data_3HR2
#
_entry.id   3HR2
#
_cell.length_a   39.97
_cell.length_b   26.95
_cell.length_c   677.9
_cell.angle_alpha   89.24
_cell.angle_beta   94.59
_cell.angle_gamma   105.58
#
_symmetry.space_group_name_H-M   'P 1'
#
loop_
_entity.id
_entity.type
_entity.pdbx_description
1 polymer 'Collagen alpha-1(I) chain'
2 polymer 'Collagen alpha-2(I) chain'
#
loop_
_entity_poly.entity_id
_entity_poly.type
_entity_poly.pdbx_seq_one_letter_code
_entity_poly.pdbx_strand_id
1 'polypeptide(L)'
;QMSYGYDEKSAGVSVPGPMGPSGPRGL(HYP)GP(HYP)GA(HYP)GPQGFQGP(HYP)GE(HYP)GE(HYP)GGSGPMG
PPGP(HYP)GP(HYP)GKNGDDGEAGKPGR(HYP)GERGP(HYP)GPQGARGL(HYP)GTAGL(HYP)GM(LYZ)GHRGF
SGLDGAKGDTGPAGPKGE(HYP)GS(HYP)GENGT(HYP)GQMGPRGL(HYP)GERGR(HYP)GP(HYP)GTAGARGNDG
AVGAAGP(HYP)GPTGPTGP(HYP)GF(HYP)GAAGAKGEAGPQGARGSEGPQGVRGE(HYP)GP(HYP)GPAGAAGPAG
N(HYP)GADGQ(HYP)GAKGANGA(HYP)GIAGA(HYP)GF(HYP)GARGPSGPQGPSGA(HYP)GPKGTSGE(HYP)GA
(HYP)GNKGDTGAKGE(HYP)GPAGVQGP(HYP)GPAGEEGKRGARGE(HYP)GPSGL(HYP)GP(HYP)GERGG(HYP)
GSRGF(HYP)GADGVAGPKGPSGERGS(HYP)GPAGPKGS(HYP)GEAGR(HYP)GEAGL(HYP)GAKGLTGS(HYP)GS
(HYP)GPDGKTGP(HYP)GPAGQDGR(HYP)GPAGP(HYP)GARGQAGVMGF(HYP)GPKGTAGE(HYP)GKAGERGV
(HYP)GP(HYP)GAVGPAGKDGEAGAQGA(HYP)GPAGPAGERGEQGPAGS(HYP)GFQGL(HYP)GPAGP(HYP)GEAG
K(HYP)GEQGV(HYP)GDLGA(HYP)GPSGARGERGF(HYP)GERGVQGP(HYP)GPAGPRGNNGA(HYP)GNDGAKGDT
GA(HYP)GA(HYP)GSQGA(HYP)GLQGM(HYP)GERGAAGL(HYP)GPKGDRGDAGPKGADGSPGKDGVRGLTGPIGP
(HYP)GPAGA(HYP)GDKGEAGPSGPAGPTGARGA(HYP)GDRGEAGP(HYP)GPAGFAGP(HYP)GADGQ(HYP)GAKG
E(HYP)GDTGVKGDAGP(HYP)GPAGPAGP(HYP)GPIGNVGA(HYP)GP(LYZ)GSRGAAGP(HYP)GATGF(HYP)GA
AGRVGP(HYP)GPSGNAGP(HYP)GP(HYP)GPVGKEGGKGPRGETGPAGR(HYP)GEVGP(HYP)GP(HYP)GPAGEKG
S(HYP)GADGPAGS(HYP)GTPGPQGIAGQRGVVGL(HYP)GQRGKRGF(HYP)GL(HYP)GPSGE(HYP)GKQGPSGAS
GERGP(HYP)GPMGP(HYP)GLAGP(HYP)GESGREGS(HYP)GAEGS(HYP)GRDGA(HYP)GAKGDRGETGPAGP
(HYP)GA(HYP)GA(HYP)GAPGPVGPAGKNGDRGETGPAGPAGPIGPAGARGPAGPQGPRGD(LYZ)GETGEQGDRGI
(LYZ)GHRGFSGLQGP(HYP)GS(HYP)GS(HYP)GEQGPSGASGPAGPRGP(HYP)GSAGS(HYP)GKDGLNGL(HYP)
GPIG(HYP)(HYP)GPRGRTGDSGPAGP(HYP)GP(HYP)GP(HYP)GP(HYP)GPPSGGYDFSFLPQPPQEKSQDGGRY
YRA
;
A,C
2 'polypeptide(L)'
;QYSDKGVSAGPGPMGLMGPRGP(HYP)GAVGA(HYP)GPQGFQGPAGE(HYP)GE(HYP)GQTGPAGSRGPAGP(HYP)G
KAGEDGH(HYP)GKPGR(HYP)GERGVVGPQGARGF(HYP)GT(HYP)GL(HYP)GF(LYZ)GIRGHNGLDGLKGQ
(HYP)GAQGV(LYZ)GE(HYP)GA(HYP)GENGT(HYP)GQAGARGL(HYP)GERGRVGA(HYP)GPAGARGSDGSVGPV
GPAGPIGSAGP(HYP)GF(HYP)GA(HYP)GP(LYZ)GELGPVGN(HYP)GPAGPAGPRGEAGL(HYP)GLSGPVGP
(HYP)GNPGANGLTGA(LYZ)GATGL(HYP)GVAGA(HYP)GL(HYP)GPRGI(HYP)GPVGAAGATGPRGLVGE(HYP)
GPAGS(LYZ)GETGNKGE(HYP)GSAGAQGP(HYP)GPSGEEGKRGSPGEPGSAGPAGP(HYP)GLRGS(HYP)GSRGL
(HYP)GADGRAGVMGPPGNRGSTGPAGVRGPNGDAGR(HYP)GE(HYP)GLMGPRGL(HYP)GS(HYP)GNVGPAGKEGP
VGL(HYP)GIDGR(HYP)GPIGPAGPRGEAGNIGF(HYP)GPKGPSGD(HYP)GK(HYP)GEKGHPGLAGARGA(HYP)G
PDGNNGAQGP(HYP)GPQGVQGGKGEQGPAGP(HYP)GFQGL(HYP)GPSGTAGEVGK(HYP)GERGLPGEFGL(HYP)G
PAGPRGERGP(HYP)GESGAAGPSGPIGIRGPSGA(HYP)GPDGNKGEAGAVGAPGSAGASGPGGL(HYP)GERGAAGI
(HYP)GGKGEKGETGLRGEIGNPGRDGARGA(HYP)GAIGA(HYP)GPAGASGDRGEAGAAGPSGPAGPRGSPGERGEVG
PAGPNGFAGPAGSAGQ(HYP)GA(LYZ)GEKGTKGPKGENGIVGPTGPVGAAGPSGPNGPPGPAGSRGDGGPPGMTGF
(HYP)GAAGRTGP(HYP)GPSGITGP(HYP)GP(HYP)GAAGKEGIRGPRGDQGPVGRTGEIGASGPPGFAGEKGPSGE
(HYP)GTTGP(HYP)GTAGPQGLLGA(HYP)GILGL(HYP)GSRGERGQ(HYP)GIAGALGE(HYP)GPLGIAGP(HYP)
GARGP(HYP)GAVGS(HYP)GVNGA(HYP)GEAGRDGN(HYP)GSDGP(HYP)GRDGQ(HYP)GHKGERGY(HYP)GNIG
PTGAAGAPGPHGSVGPAGKHGNRGEPGPAGSVGPVGAVGPRGPSGPQGIRGDKGEPGD(LYZ)GARGLPGLKGHNGLQGL
PGLAGLHGDQGAPGPVGPAGPRGPAGPSGPIGKDGRSGHPGPVGPAGVRGSQGSQGPAGP(HYP)GP(HYP)GP(HYP)G
PPGVSGGG
;
B
#
# COMPACT_ATOMS: atom_id res chain seq x y z
CA GLN A 1 1099.52 -863.61 590.17
CA MET A 2 1100.01 -861.27 587.24
CA SER A 3 1097.69 -859.07 585.17
CA TYR A 4 1098.63 -857.59 581.75
CA GLY A 5 1096.19 -856.22 579.15
CA TYR A 6 1095.40 -853.60 576.52
CA ASP A 7 1091.82 -852.39 576.99
CA GLU A 8 1091.06 -849.14 575.15
CA LYS A 9 1087.36 -848.58 574.57
CA SER A 10 1085.04 -845.54 574.42
CA ALA A 11 1082.11 -843.91 572.53
CA GLY A 12 1079.72 -840.94 572.42
CA VAL A 13 1076.62 -839.51 570.73
CA SER A 14 1075.60 -837.10 567.95
CA VAL A 15 1073.95 -833.67 568.04
CA PRO A 16 1071.66 -834.72 566.51
CA GLY A 17 1069.49 -832.26 564.59
CA PRO A 18 1066.95 -831.03 564.07
CA MET A 19 1066.03 -829.75 560.59
CA GLY A 20 1064.95 -826.57 558.81
CA PRO A 21 1061.90 -824.33 559.50
CA SER A 22 1058.83 -823.98 557.30
CA GLY A 23 1058.27 -822.29 553.97
CA PRO A 24 1056.18 -819.18 553.11
CA ARG A 25 1053.74 -819.12 550.16
CA GLY A 26 1054.38 -819.45 546.42
CA LEU A 27 1054.99 -817.54 543.21
CA HYP A 28 1052.27 -815.44 541.51
CA GLY A 29 1049.40 -817.02 539.65
CA PRO A 30 1046.14 -816.38 537.71
CA HYP A 31 1045.53 -812.65 536.96
CA GLY A 32 1041.74 -812.86 536.76
CA ALA A 33 1039.34 -811.29 534.28
CA HYP A 34 1037.29 -808.12 533.52
CA GLY A 35 1033.96 -807.47 535.15
CA PRO A 36 1030.89 -805.33 534.38
CA GLN A 37 1030.52 -803.19 531.28
CA GLY A 38 1029.38 -799.68 530.43
CA PHE A 39 1026.04 -798.11 531.27
CA GLN A 40 1023.49 -797.79 528.48
CA GLY A 41 1024.08 -794.61 526.55
CA PRO A 42 1022.99 -790.96 526.11
CA HYP A 43 1019.97 -789.79 524.04
CA GLY A 44 1020.13 -789.45 520.24
CA GLU A 45 1019.35 -786.61 517.84
CA HYP A 46 1015.97 -785.60 516.31
CA GLY A 47 1015.38 -786.06 512.62
CA GLU A 48 1013.81 -783.06 510.96
CA HYP A 49 1010.75 -780.77 510.89
CA GLY A 50 1007.38 -781.94 509.61
CA GLY A 51 1006.99 -780.25 506.24
CA SER A 52 1004.50 -777.41 506.63
CA GLY A 53 1000.73 -777.06 506.90
CA PRO A 54 997.41 -776.49 505.04
CA MET A 55 995.95 -773.08 504.16
CA GLY A 56 993.37 -771.02 505.99
CA PRO A 57 989.82 -769.69 505.40
CA PRO A 58 989.24 -766.76 503.01
CA GLY A 59 988.36 -763.28 504.19
CA PRO A 60 984.95 -762.52 505.79
CA HYP A 61 983.40 -759.97 503.32
CA GLY A 62 981.43 -757.36 505.27
CA PRO A 63 979.37 -754.28 504.24
CA HYP A 64 976.83 -754.59 501.33
CA GLY A 65 977.23 -753.30 497.78
CA LYS A 66 976.36 -750.42 495.47
CA ASN A 67 972.85 -749.19 494.72
CA GLY A 68 972.19 -748.67 491.01
CA ASP A 69 969.46 -746.74 489.22
CA ASP A 70 967.02 -744.46 491.03
CA GLY A 71 963.80 -743.91 489.11
CA GLU A 72 962.25 -742.37 486.03
CA ALA A 73 959.39 -740.17 484.81
CA GLY A 74 955.90 -740.46 486.23
CA LYS A 75 952.35 -739.44 485.38
CA PRO A 76 951.04 -736.96 482.77
CA GLY A 77 951.66 -733.29 483.46
CA ARG A 78 947.90 -732.66 483.34
CA HYP A 79 946.23 -731.21 480.19
CA GLY A 80 945.54 -727.52 479.69
CA GLU A 81 942.75 -725.45 481.20
CA ARG A 82 940.37 -724.21 478.50
CA GLY A 83 940.56 -721.20 476.21
CA PRO A 84 938.52 -718.41 474.58
CA HYP A 85 936.80 -718.70 471.15
CA GLY A 86 938.21 -717.23 467.92
CA PRO A 87 937.77 -714.69 465.05
CA GLN A 88 934.34 -713.14 464.46
CA GLY A 89 932.10 -714.15 461.59
CA ALA A 90 931.74 -712.84 458.07
CA ARG A 91 929.23 -710.01 457.57
CA GLY A 92 925.46 -709.73 457.09
CA LEU A 93 922.89 -709.97 454.28
CA HYP A 94 920.93 -707.17 452.50
CA GLY A 95 918.42 -705.55 454.81
CA THR A 96 914.68 -705.16 454.35
CA ALA A 97 912.97 -702.36 452.43
CA GLY A 98 911.25 -699.13 453.48
CA LEU A 99 907.57 -698.28 453.09
CA HYP A 100 906.47 -696.06 450.13
CA GLY A 101 906.81 -692.27 450.31
CA MET A 102 903.36 -690.70 450.09
CA LYZ A 103 900.28 -690.67 447.86
CA GLY A 104 899.21 -687.57 445.95
CA HIS A 105 898.03 -684.16 447.11
CA ARG A 106 894.79 -682.53 445.84
CA GLY A 107 894.11 -681.83 442.19
CA PHE A 108 893.29 -678.18 441.65
CA SER A 109 889.67 -677.21 441.09
CA GLY A 110 887.34 -677.36 438.11
CA LEU A 111 885.87 -674.33 436.36
CA ASP A 112 882.56 -672.92 435.04
CA GLY A 113 881.12 -670.78 432.25
CA ALA A 114 877.33 -670.93 432.31
CA LYS A 115 875.97 -667.43 432.82
CA GLY A 116 872.26 -668.19 433.00
CA ASP A 117 869.85 -667.21 430.22
CA THR A 118 867.36 -664.48 429.17
CA GLY A 119 863.71 -663.66 429.86
CA PRO A 120 861.21 -665.12 427.35
CA ALA A 121 858.45 -663.18 425.62
CA GLY A 122 856.10 -661.35 427.95
CA PRO A 123 852.26 -661.24 427.79
CA LYS A 124 850.46 -658.16 426.42
CA GLY A 125 851.27 -655.23 428.65
CA GLU A 126 848.85 -652.35 429.04
CA HYP A 127 845.61 -653.19 427.16
CA GLY A 128 844.59 -651.36 424.01
CA SER A 129 842.76 -648.17 425.05
CA HYP A 130 840.02 -647.52 422.46
CA GLY A 131 840.86 -644.53 420.30
CA GLU A 132 838.48 -641.61 419.81
CA ASN A 133 836.28 -641.27 416.75
CA GLY A 134 836.86 -642.01 413.07
CA THR A 135 834.12 -640.51 410.89
CA HYP A 136 832.94 -636.90 411.20
CA GLY A 137 829.21 -636.74 410.52
CA GLN A 138 826.60 -636.13 407.75
CA MET A 139 823.68 -633.79 406.94
CA GLY A 140 820.37 -632.95 408.60
CA PRO A 141 816.77 -632.71 407.37
CA ARG A 142 815.26 -629.24 407.43
CA GLY A 143 812.39 -627.15 408.72
CA LEU A 144 808.76 -626.56 407.75
CA HYP A 145 808.36 -623.19 405.97
CA GLY A 146 805.57 -620.92 407.20
CA GLU A 147 803.75 -617.60 406.72
CA ARG A 148 800.94 -616.78 404.26
CA GLY A 149 800.90 -613.75 401.99
CA ARG A 150 799.20 -610.43 401.24
CA HYP A 151 795.90 -609.34 399.61
CA GLY A 152 795.63 -608.40 395.95
CA PRO A 153 795.22 -605.08 394.05
CA HYP A 154 791.93 -603.11 393.80
CA GLY A 155 789.96 -602.63 390.57
CA THR A 156 787.54 -600.46 388.59
CA ALA A 157 785.71 -597.54 390.23
CA GLY A 158 782.27 -598.92 389.43
CA ALA A 159 779.74 -596.78 387.56
CA ARG A 160 776.74 -594.43 387.79
CA GLY A 161 773.78 -595.36 389.97
CA ASN A 162 770.56 -595.91 388.06
CA ASP A 163 768.56 -593.84 385.51
CA GLY A 164 765.75 -591.64 386.71
CA ALA A 165 762.08 -592.64 386.61
CA VAL A 166 759.40 -590.32 385.14
CA GLY A 167 759.07 -586.79 386.47
CA ALA A 168 755.71 -585.20 387.12
CA ALA A 169 753.54 -582.86 385.05
CA GLY A 170 752.42 -579.24 384.75
CA PRO A 171 749.77 -576.74 383.73
CA HYP A 172 747.06 -578.56 381.79
CA GLY A 173 746.43 -576.93 378.41
CA PRO A 174 744.80 -574.13 376.31
CA THR A 175 741.07 -573.92 375.93
CA GLY A 176 738.80 -573.83 372.90
CA PRO A 177 737.41 -571.30 370.38
CA THR A 178 733.80 -570.35 370.89
CA GLY A 179 730.29 -571.31 369.88
CA PRO A 180 729.13 -571.30 366.20
CA HYP A 181 725.66 -570.21 365.06
CA GLY A 182 723.06 -572.91 365.66
CA PHE A 183 719.52 -573.80 364.71
CA HYP A 184 717.16 -571.49 362.77
CA GLY A 185 715.17 -568.74 364.43
CA ALA A 186 711.49 -567.80 364.65
CA ALA A 187 709.16 -565.31 362.90
CA GLY A 188 707.33 -562.01 363.33
CA ALA A 189 703.64 -561.09 363.51
CA LYS A 190 701.10 -558.45 362.41
CA GLY A 191 702.26 -554.91 361.75
CA GLU A 192 700.57 -551.54 361.46
CA ALA A 193 697.12 -551.31 359.84
CA GLY A 194 696.28 -548.78 357.15
CA PRO A 195 695.34 -545.08 356.96
CA GLN A 196 692.06 -543.81 355.52
CA GLY A 197 690.85 -544.88 352.10
CA ALA A 198 689.47 -542.38 349.63
CA ARG A 199 686.23 -540.60 348.71
CA GLY A 200 683.65 -540.60 345.90
CA SER A 201 682.54 -537.76 343.62
CA GLU A 202 679.55 -535.49 343.06
CA GLY A 203 676.58 -536.06 345.31
CA PRO A 204 673.01 -537.02 344.39
CA GLN A 205 670.67 -534.03 344.70
CA GLY A 206 669.23 -531.67 347.30
CA VAL A 207 666.12 -529.47 347.16
CA ARG A 208 664.05 -527.65 344.52
CA GLY A 209 662.91 -524.04 344.41
CA GLU A 210 659.38 -522.73 343.89
CA HYP A 211 657.59 -520.57 341.18
CA GLY A 212 658.86 -517.06 340.52
CA PRO A 213 656.83 -513.81 340.35
CA HYP A 214 653.34 -513.75 338.72
CA GLY A 215 653.27 -512.30 335.22
CA PRO A 216 651.51 -509.75 332.96
CA ALA A 217 647.79 -508.72 333.21
CA GLY A 218 645.35 -506.81 330.96
CA ALA A 219 643.07 -503.76 330.70
CA ALA A 220 639.67 -503.36 329.06
CA GLY A 221 637.83 -504.94 326.16
CA PRO A 222 634.58 -504.29 324.22
CA ALA A 223 631.83 -502.02 325.50
CA GLY A 224 628.21 -503.15 325.25
CA ASN A 225 624.96 -503.08 323.21
CA HYP A 226 622.24 -500.46 322.24
CA GLY A 227 620.02 -499.90 325.26
CA ALA A 228 616.81 -499.44 323.28
CA ASP A 229 614.78 -497.96 320.46
CA GLY A 230 615.44 -494.61 322.07
CA GLN A 231 612.14 -492.68 322.14
CA HYP A 232 609.69 -491.30 319.48
CA GLY A 233 609.87 -487.54 319.01
CA ALA A 234 607.02 -485.09 319.51
CA LYS A 235 603.96 -484.84 317.26
CA GLY A 236 604.51 -484.28 313.57
CA ALA A 237 602.82 -481.34 311.86
CA ASN A 238 599.50 -482.01 313.61
CA GLY A 239 596.72 -480.32 311.67
CA ALA A 240 595.91 -476.93 310.26
CA HYP A 241 592.54 -475.22 309.88
CA GLY A 242 590.61 -476.31 306.83
CA ILE A 243 589.62 -474.03 303.97
CA ALA A 244 586.82 -471.55 303.22
CA GLY A 245 583.24 -472.18 302.20
CA ALA A 246 581.74 -470.73 299.06
CA HYP A 247 579.51 -467.95 297.72
CA GLY A 248 576.36 -467.06 299.64
CA PHE A 249 572.80 -466.95 298.30
CA HYP A 250 571.01 -464.02 296.56
CA GLY A 251 569.85 -461.80 299.37
CA ALA A 252 566.65 -459.84 299.53
CA ARG A 253 565.30 -458.14 296.45
CA GLY A 254 564.98 -454.42 295.76
CA PRO A 255 562.11 -451.90 296.27
CA SER A 256 559.60 -450.75 293.63
CA GLY A 257 558.85 -447.54 291.75
CA PRO A 258 556.56 -444.50 291.12
CA GLN A 259 554.07 -444.29 288.23
CA GLY A 260 554.52 -445.25 284.58
CA PRO A 261 554.88 -443.39 281.25
CA SER A 262 552.15 -441.35 279.64
CA GLY A 263 549.39 -442.20 277.22
CA ALA A 264 548.32 -440.07 274.26
CA HYP A 265 545.57 -437.70 272.98
CA GLY A 266 542.01 -438.85 273.60
CA PRO A 267 538.39 -437.92 272.73
CA LYS A 268 537.20 -434.42 271.91
CA GLY A 269 534.13 -432.29 271.32
CA THR A 270 531.44 -432.26 268.64
CA SER A 271 529.00 -429.64 267.31
CA GLY A 272 528.14 -426.37 269.01
CA GLU A 273 526.01 -423.26 268.74
CA HYP A 274 523.63 -422.89 265.74
CA GLY A 275 523.96 -419.34 264.43
CA ALA A 276 521.93 -416.49 265.98
CA HYP A 277 518.29 -415.46 265.20
CA GLY A 278 517.04 -414.06 261.91
CA ASN A 279 516.19 -410.49 260.98
CA LYS A 280 512.97 -409.06 259.57
CA GLY A 281 512.40 -410.85 256.25
CA ASP A 282 511.93 -408.60 253.19
CA THR A 283 509.17 -406.86 251.19
CA GLY A 284 508.42 -405.97 247.57
CA ALA A 285 506.64 -403.64 245.17
CA LYS A 286 504.00 -401.14 246.25
CA GLY A 287 500.85 -401.52 244.18
CA GLU A 288 499.06 -400.72 240.94
CA HYP A 289 496.41 -398.00 240.30
CA GLY A 290 493.19 -398.28 242.23
CA PRO A 291 489.70 -396.77 241.78
CA ALA A 292 489.73 -394.36 238.85
CA GLY A 293 486.86 -392.09 239.83
CA VAL A 294 483.12 -391.45 239.79
CA GLN A 295 481.53 -388.62 237.83
CA GLY A 296 481.05 -384.89 238.09
CA PRO A 297 478.30 -382.20 237.96
CA HYP A 298 474.86 -382.71 236.29
CA GLY A 299 475.60 -380.32 233.43
CA PRO A 300 473.91 -377.05 232.30
CA ALA A 301 470.46 -376.90 230.76
CA GLY A 302 470.42 -375.12 227.41
CA GLU A 303 470.62 -371.75 225.65
CA GLU A 304 467.30 -369.85 225.64
CA GLY A 305 464.96 -369.81 222.67
CA LYS A 306 465.04 -367.87 219.40
CA ARG A 307 462.41 -365.59 217.88
CA GLY A 308 458.73 -366.41 217.79
CA ALA A 309 455.66 -365.96 215.62
CA ARG A 310 454.02 -362.74 214.49
CA GLY A 311 450.87 -361.71 216.34
CA GLU A 312 447.15 -361.18 215.85
CA HYP A 313 444.87 -359.16 213.50
CA GLY A 314 444.47 -356.48 216.14
CA PRO A 315 441.64 -353.95 216.47
CA SER A 316 438.27 -354.45 214.81
CA GLY A 317 437.17 -352.49 211.76
CA LEU A 318 436.22 -348.97 210.73
CA HYP A 319 434.44 -348.22 207.42
CA GLY A 320 434.88 -344.96 205.51
CA PRO A 321 433.57 -341.41 204.80
CA HYP A 322 430.48 -340.67 202.65
CA GLY A 323 430.62 -339.39 199.08
CA GLU A 324 429.14 -336.07 198.05
CA ARG A 325 425.78 -335.00 196.62
CA GLY A 326 423.80 -334.90 193.38
CA GLY A 327 421.94 -332.49 191.11
CA HYP A 328 418.57 -330.68 190.92
CA GLY A 329 415.60 -332.08 192.77
CA SER A 330 412.02 -331.68 191.65
CA ARG A 331 410.66 -328.64 189.82
CA GLY A 332 407.66 -327.42 191.79
CA PHE A 333 404.07 -326.91 190.65
CA HYP A 334 404.11 -323.95 188.20
CA GLY A 335 401.69 -321.04 188.46
CA ALA A 336 398.39 -320.49 186.66
CA ASP A 337 395.64 -318.04 185.69
CA GLY A 338 396.25 -314.53 184.41
CA VAL A 339 393.71 -312.32 186.18
CA ALA A 340 390.93 -310.54 184.23
CA GLY A 341 391.28 -308.97 180.83
CA PRO A 342 391.03 -305.64 178.98
CA LYS A 343 387.30 -305.14 178.57
CA GLY A 344 386.13 -304.56 175.00
CA PRO A 345 384.79 -301.30 173.49
CA SER A 346 381.15 -300.19 173.58
CA GLY A 347 378.45 -299.39 171.04
CA GLU A 348 377.57 -296.44 168.80
CA ARG A 349 374.45 -294.64 167.59
CA GLY A 350 371.24 -295.48 165.73
CA SER A 351 368.74 -293.54 163.58
CA HYP A 352 366.28 -290.58 163.62
CA GLY A 353 362.72 -290.78 164.92
CA PRO A 354 359.25 -290.63 163.32
CA ALA A 355 357.17 -287.42 163.57
CA GLY A 356 354.62 -285.64 165.74
CA PRO A 357 350.83 -285.24 165.64
CA LYS A 358 349.16 -282.65 163.42
CA GLY A 359 349.80 -278.91 163.61
CA SER A 360 347.18 -276.13 163.87
CA HYP A 361 344.23 -274.67 161.79
CA GLY A 362 344.66 -272.20 158.93
CA GLU A 363 342.67 -269.04 158.27
CA ALA A 364 338.99 -268.09 157.98
CA GLY A 365 336.47 -267.27 155.27
CA ARG A 366 335.13 -263.96 153.97
CA HYP A 367 331.94 -261.91 153.67
CA GLY A 368 329.65 -262.80 150.77
CA GLU A 369 328.52 -260.44 148.02
CA ALA A 370 324.97 -259.32 146.92
CA GLY A 371 322.77 -261.49 144.72
CA LEU A 372 319.18 -262.47 144.08
CA HYP A 373 317.05 -259.38 143.30
CA GLY A 374 313.73 -258.69 144.99
CA ALA A 375 310.63 -257.36 143.22
CA LYS A 376 308.48 -254.25 142.76
CA GLY A 377 304.79 -254.86 143.35
CA LEU A 378 304.93 -256.05 146.96
CA THR A 379 301.59 -256.02 148.75
CA GLY A 380 298.36 -254.34 147.70
CA SER A 381 296.33 -251.50 149.25
CA HYP A 382 293.12 -249.50 148.49
CA GLY A 383 293.17 -247.08 145.58
CA SER A 384 291.06 -244.34 147.17
CA HYP A 385 287.86 -242.86 145.66
CA GLY A 386 287.64 -241.56 142.10
CA PRO A 387 286.32 -238.59 140.02
CA ASP A 388 282.69 -238.10 139.06
CA GLY A 389 281.38 -237.50 135.54
CA LYS A 390 280.23 -234.82 133.08
CA THR A 391 277.36 -232.33 132.96
CA GLY A 392 274.12 -234.10 132.03
CA PRO A 393 272.14 -233.34 128.78
CA HYP A 394 269.29 -230.84 128.29
CA GLY A 395 265.86 -231.45 129.70
CA PRO A 396 262.21 -230.48 129.00
CA ALA A 397 260.84 -226.94 128.38
CA GLY A 398 259.28 -224.29 130.66
CA GLN A 399 255.61 -223.86 131.50
CA ASP A 400 252.72 -221.77 130.13
CA GLY A 401 251.87 -218.09 129.75
CA ARG A 402 248.77 -216.12 130.72
CA HYP A 403 245.77 -214.50 128.88
CA GLY A 404 245.66 -211.02 127.39
CA PRO A 405 243.64 -207.83 127.23
CA ALA A 406 240.21 -207.78 125.64
CA GLY A 407 239.24 -206.02 122.42
CA PRO A 408 237.62 -202.87 120.97
CA HYP A 409 233.79 -202.66 120.87
CA GLY A 410 232.16 -203.06 117.48
CA ALA A 411 229.45 -201.68 115.27
CA ARG A 412 226.74 -199.44 116.75
CA GLY A 413 223.22 -198.48 115.66
CA GLN A 414 221.33 -197.78 112.46
CA ALA A 415 218.89 -195.00 113.29
CA GLY A 416 215.33 -195.91 114.26
CA VAL A 417 211.97 -195.62 112.50
CA MET A 418 209.45 -192.92 111.52
CA GLY A 419 207.09 -190.50 113.23
CA PHE A 420 203.51 -189.24 113.03
CA HYP A 421 201.70 -186.24 111.46
CA GLY A 422 198.99 -184.03 112.97
CA PRO A 423 195.30 -183.00 112.69
CA LYS A 424 194.19 -179.73 111.15
CA GLY A 425 194.44 -176.06 112.07
CA THR A 426 191.17 -174.22 112.81
CA ALA A 427 188.18 -172.40 111.35
CA GLY A 428 188.65 -169.32 109.19
CA GLU A 429 187.17 -166.01 110.26
CA HYP A 430 183.75 -164.32 110.64
CA GLY A 431 183.31 -163.99 106.92
CA LYS A 432 181.06 -161.57 105.09
CA ALA A 433 179.68 -158.48 106.85
CA GLY A 434 176.39 -156.85 105.83
CA GLU A 435 173.77 -156.74 103.10
CA ARG A 436 171.47 -153.86 102.19
CA GLY A 437 168.23 -154.18 104.12
CA VAL A 438 164.97 -152.73 102.85
CA HYP A 439 163.18 -149.32 102.77
CA GLY A 440 161.56 -148.24 106.03
CA PRO A 441 157.84 -147.42 106.60
CA HYP A 442 155.89 -144.37 105.41
CA GLY A 443 158.30 -141.73 106.58
CA ALA A 444 157.13 -138.53 108.20
CA VAL A 445 155.18 -136.21 105.79
CA GLY A 446 155.58 -132.50 105.05
CA PRO A 447 152.81 -130.24 106.44
CA ALA A 448 150.28 -128.70 104.09
CA GLY A 449 150.45 -125.43 102.19
CA LYS A 450 147.77 -122.89 101.31
CA ASP A 451 144.20 -122.63 99.92
CA GLY A 452 143.24 -123.92 96.47
CA GLU A 453 139.99 -125.29 95.12
CA ALA A 454 136.73 -124.23 96.87
CA GLY A 455 133.13 -124.43 95.64
CA ALA A 456 133.35 -126.40 92.37
CA GLN A 457 129.83 -125.42 91.45
CA GLY A 458 127.37 -122.84 92.68
CA ALA A 459 123.72 -122.89 93.69
CA HYP A 460 121.80 -121.82 90.57
CA GLY A 461 118.48 -119.93 90.55
CA PRO A 462 115.49 -118.67 88.46
CA ALA A 463 115.25 -115.06 87.27
CA GLY A 464 112.49 -112.94 88.73
CA PRO A 465 110.40 -109.82 88.01
CA ALA A 466 110.14 -108.93 84.35
CA GLY A 467 107.75 -106.53 82.65
CA GLU A 468 105.15 -104.48 84.50
CA ARG A 469 101.92 -103.91 82.60
CA GLY A 470 102.70 -102.04 79.39
CA GLU A 471 100.79 -99.09 77.96
CA GLN A 472 97.10 -98.30 77.58
CA GLY A 473 95.19 -98.66 74.35
CA PRO A 474 93.62 -96.92 71.32
CA ALA A 475 91.01 -94.21 71.50
CA GLY A 476 87.53 -95.06 72.71
CA SER A 477 84.34 -94.72 70.72
CA HYP A 478 83.14 -91.81 68.50
CA GLY A 479 79.84 -89.92 68.91
CA PHE A 480 76.80 -88.48 67.05
CA GLN A 481 75.70 -85.13 65.64
CA GLY A 482 73.41 -82.32 66.63
CA LEU A 483 69.80 -81.91 65.58
CA HYP A 484 67.89 -80.01 62.84
CA GLY A 485 66.82 -76.71 64.41
CA PRO A 486 64.01 -74.10 64.74
CA ALA A 487 61.35 -73.53 62.08
CA GLY A 488 62.16 -71.02 59.36
CA PRO A 489 62.06 -67.22 58.86
CA HYP A 490 58.93 -65.70 57.23
CA GLY A 491 58.99 -64.77 53.52
CA GLU A 492 57.77 -62.14 51.05
CA ALA A 493 54.63 -60.76 49.40
CA GLY A 494 53.24 -62.96 46.67
CA LYS A 495 51.97 -60.36 44.24
CA HYP A 496 49.58 -57.37 44.09
CA GLY A 497 45.82 -57.77 43.77
CA GLU A 498 42.89 -56.21 41.91
CA GLN A 499 40.18 -53.56 42.41
CA GLY A 500 36.43 -54.26 42.58
CA VAL A 501 33.40 -52.73 40.84
CA HYP A 502 34.35 -49.64 38.74
CA GLY A 503 31.49 -47.74 40.34
CA ASP A 504 27.74 -47.08 40.37
CA LEU A 505 25.67 -44.62 38.27
CA GLY A 506 26.88 -41.97 35.84
CA ALA A 507 26.82 -38.22 35.26
CA HYP A 508 24.48 -35.67 33.56
CA GLY A 509 24.05 -35.73 29.77
CA PRO A 510 23.54 -33.42 26.72
CA SER A 511 20.20 -32.50 25.09
CA GLY A 512 19.44 -31.03 21.67
CA ALA A 513 18.34 -28.05 19.57
CA ARG A 514 14.78 -26.69 19.46
CA GLY A 515 11.50 -27.26 17.63
CA GLU A 516 10.57 -26.09 14.14
CA ARG A 517 8.71 -22.88 14.94
CA GLY A 518 5.25 -22.00 16.26
CA PHE A 519 2.57 -22.39 13.58
CA HYP A 520 0.49 -19.58 12.00
CA GLY A 521 -2.51 -19.59 14.34
CA GLU A 522 -5.98 -20.33 12.95
CA ARG A 523 -7.22 -18.27 10.01
CA GLY A 524 -8.21 -14.71 9.17
CA VAL A 525 -11.18 -12.74 10.45
CA GLN A 526 -14.44 -11.12 9.32
CA GLY A 527 -13.35 -8.17 7.20
CA PRO A 528 -14.23 -4.48 6.57
CA HYP A 529 -17.67 -3.33 5.33
CA GLY A 530 -18.38 -2.35 1.75
CA PRO A 531 -18.95 0.96 -0.08
CA ALA A 532 -22.47 2.38 -0.03
CA GLY A 533 -24.92 2.16 -2.92
CA PRO A 534 -25.84 4.28 -6.02
CA ARG A 535 -28.94 6.48 -6.35
CA GLY A 536 -31.36 5.11 -8.92
CA ASN A 537 -33.11 6.54 -11.96
CA ASN A 538 -35.53 9.38 -12.81
CA GLY A 539 -39.10 8.87 -11.64
CA ALA A 540 -41.79 10.57 -13.68
CA HYP A 541 -42.21 14.13 -15.02
CA GLY A 542 -44.33 16.48 -12.95
CA ASN A 543 -48.09 15.97 -13.13
CA ASP A 544 -50.03 18.19 -15.49
CA GLY A 545 -52.83 20.58 -14.58
CA ALA A 546 -56.13 20.53 -16.46
CA LYS A 547 -58.29 23.03 -18.39
CA GLY A 548 -59.16 26.67 -17.80
CA ASP A 549 -62.57 28.09 -16.99
CA THR A 550 -64.96 29.72 -19.46
CA GLY A 551 -63.91 32.24 -22.05
CA ALA A 552 -64.85 35.57 -23.58
CA HYP A 553 -67.36 35.90 -26.49
CA GLY A 554 -66.39 37.25 -29.91
CA ALA A 555 -67.80 40.39 -31.54
CA HYP A 556 -70.93 42.46 -30.73
CA GLY A 557 -74.30 41.76 -32.32
CA SER A 558 -75.62 43.83 -35.19
CA GLN A 559 -78.25 46.43 -35.96
CA GLY A 560 -79.95 44.44 -38.72
CA ALA A 561 -82.58 46.35 -40.68
CA HYP A 562 -83.52 50.07 -40.62
CA GLY A 563 -86.97 51.30 -39.75
CA LEU A 564 -90.43 51.24 -41.17
CA GLN A 565 -92.55 54.16 -42.27
CA GLY A 566 -94.75 56.66 -40.49
CA MET A 567 -98.38 57.79 -40.49
CA HYP A 568 -99.76 59.40 -43.69
CA GLY A 569 -99.82 63.16 -44.22
CA GLU A 570 -102.53 65.52 -43.03
CA ARG A 571 -105.32 66.87 -45.26
CA GLY A 572 -104.32 69.89 -47.28
CA ALA A 573 -105.78 73.18 -48.45
CA ALA A 574 -108.71 73.47 -50.87
CA GLY A 575 -109.28 73.91 -54.60
CA LEU A 576 -110.59 76.89 -56.52
CA HYP A 577 -114.25 77.75 -55.83
CA GLY A 578 -116.65 77.14 -58.66
CA PRO A 579 -117.84 79.71 -61.24
CA LYS A 580 -120.93 81.88 -60.85
CA GLY A 581 -124.56 80.98 -61.36
CA ASP A 582 -127.08 82.60 -63.69
CA ARG A 583 -129.70 85.32 -63.92
CA GLY A 584 -132.13 85.26 -61.01
CA ASP A 585 -135.88 85.55 -61.54
CA ALA A 586 -137.77 88.64 -62.76
CA GLY A 587 -140.22 91.39 -61.86
CA PRO A 588 -143.95 91.28 -60.93
CA LYS A 589 -146.80 91.98 -63.35
CA GLY A 590 -145.56 95.55 -63.55
CA ALA A 591 -147.40 98.53 -62.09
CA ASP A 592 -149.43 101.01 -64.17
CA GLY A 593 -148.86 101.54 -67.88
CA SER A 594 -148.61 105.28 -67.43
CA PRO A 595 -151.76 107.15 -68.56
CA GLY A 596 -151.94 109.59 -71.45
CA LYS A 597 -152.83 113.30 -71.43
CA ASP A 598 -156.13 115.25 -71.36
CA GLY A 599 -158.93 115.99 -73.77
CA VAL A 600 -158.54 118.09 -76.89
CA ARG A 601 -158.41 121.88 -77.08
CA GLY A 602 -161.53 123.31 -78.71
CA LEU A 603 -164.94 122.07 -79.89
CA THR A 604 -166.81 125.33 -80.56
CA GLY A 605 -170.41 124.64 -79.55
CA PRO A 606 -174.07 125.46 -80.34
CA ILE A 607 -175.23 128.90 -81.74
CA GLY A 608 -175.52 129.95 -78.12
CA PRO A 609 -177.95 132.67 -76.98
CA HYP A 610 -179.45 134.35 -80.05
CA GLY A 611 -179.03 138.07 -80.55
CA PRO A 612 -181.17 141.16 -79.78
CA ALA A 613 -184.68 141.71 -81.13
CA GLY A 614 -185.36 143.26 -84.52
CA ALA A 615 -185.89 146.83 -85.62
CA HYP A 616 -188.87 149.19 -86.02
CA GLY A 617 -190.61 149.73 -89.36
CA ASP A 618 -192.82 152.24 -91.24
CA LYS A 619 -196.00 153.90 -89.94
CA GLY A 620 -199.39 153.78 -91.64
CA GLU A 621 -200.47 156.21 -94.32
CA ALA A 622 -203.28 158.66 -95.02
CA GLY A 623 -207.04 158.52 -94.55
CA PRO A 624 -210.42 159.69 -95.91
CA SER A 625 -210.94 163.00 -97.74
CA GLY A 626 -213.69 165.47 -96.82
CA PRO A 627 -217.43 166.26 -97.18
CA ALA A 628 -218.87 168.73 -99.63
CA GLY A 629 -219.39 172.00 -97.76
CA PRO A 630 -221.70 174.99 -97.19
CA THR A 631 -224.91 174.96 -99.19
CA GLY A 632 -223.88 176.94 -102.28
CA ALA A 633 -226.16 179.96 -102.74
CA ARG A 634 -228.46 181.40 -105.44
CA GLY A 635 -228.28 183.47 -108.62
CA ALA A 636 -229.98 186.69 -109.76
CA HYP A 637 -233.54 188.03 -110.18
CA GLY A 638 -235.54 187.72 -113.36
CA ASP A 639 -236.64 189.98 -116.21
CA ARG A 640 -239.78 191.87 -117.39
CA GLY A 641 -242.87 191.06 -119.42
CA GLU A 642 -243.42 191.27 -123.16
CA ALA A 643 -246.22 193.69 -124.27
CA GLY A 644 -249.48 195.17 -122.97
CA PRO A 645 -253.15 195.62 -124.05
CA HYP A 646 -254.27 198.96 -125.67
CA GLY A 647 -257.22 199.96 -123.53
CA PRO A 648 -260.62 198.90 -122.09
CA ALA A 649 -263.13 199.65 -124.90
CA GLY A 650 -265.20 202.37 -126.61
CA PHE A 651 -266.12 204.57 -123.67
CA ALA A 652 -268.31 206.68 -125.92
CA GLY A 653 -267.25 208.84 -128.81
CA PRO A 654 -268.29 212.52 -128.69
CA HYP A 655 -271.08 213.22 -131.23
CA GLY A 656 -270.49 214.69 -134.65
CA ALA A 657 -273.07 216.56 -136.70
CA ASP A 658 -276.79 216.44 -137.43
CA GLY A 659 -279.38 216.28 -140.19
CA GLN A 660 -281.69 218.69 -142.07
CA HYP A 661 -284.60 220.75 -140.65
CA GLY A 662 -287.53 218.68 -141.91
CA ALA A 663 -289.76 218.05 -144.92
CA LYS A 664 -291.81 220.31 -147.21
CA GLY A 665 -294.84 222.15 -145.88
CA GLU A 666 -298.35 220.97 -146.73
CA HYP A 667 -301.51 222.81 -147.92
CA GLY A 668 -304.14 224.23 -145.60
CA ASP A 669 -307.88 224.26 -145.10
CA THR A 670 -310.16 226.49 -147.24
CA GLY A 671 -310.71 229.40 -144.83
CA VAL A 672 -313.28 230.79 -142.36
CA LYS A 673 -316.16 232.85 -143.83
CA GLY A 674 -317.05 236.52 -144.15
CA ASP A 675 -319.86 239.05 -143.89
CA ALA A 676 -320.57 242.23 -145.85
CA GLY A 677 -323.94 243.43 -147.13
CA PRO A 678 -324.08 245.46 -150.40
CA HYP A 679 -327.06 247.71 -151.24
CA GLY A 680 -329.82 246.40 -153.46
CA PRO A 681 -331.09 246.66 -157.03
CA ALA A 682 -333.36 249.64 -157.94
CA GLY A 683 -336.69 250.35 -159.62
CA PRO A 684 -338.10 251.92 -162.83
CA ALA A 685 -339.40 255.49 -163.17
CA GLY A 686 -342.86 256.96 -163.85
CA PRO A 687 -344.94 258.95 -166.46
CA HYP A 688 -343.31 261.33 -168.95
CA GLY A 689 -342.22 264.84 -168.02
CA PRO A 690 -345.21 267.13 -167.27
CA ILE A 691 -346.06 270.37 -169.12
CA GLY A 692 -345.80 274.12 -168.65
CA ASN A 693 -348.84 276.35 -168.35
CA VAL A 694 -351.10 278.75 -170.29
CA GLY A 695 -350.41 282.40 -171.03
CA ALA A 696 -353.11 285.10 -170.83
CA HYP A 697 -356.19 286.41 -172.76
CA GLY A 698 -356.50 290.14 -173.30
CA PRO A 699 -358.68 293.23 -172.76
CA LYZ A 700 -361.92 293.66 -174.71
CA GLY A 701 -361.67 290.67 -177.02
CA SER A 702 -364.22 292.29 -179.33
CA ARG A 703 -366.26 295.45 -178.67
CA GLY A 704 -370.03 295.16 -179.09
CA ALA A 705 -371.77 296.10 -182.34
CA ALA A 706 -373.84 299.17 -183.05
CA GLY A 707 -377.32 300.29 -182.15
CA PRO A 708 -380.42 299.74 -184.33
CA HYP A 709 -382.70 302.64 -185.44
CA GLY A 710 -384.24 304.98 -182.87
CA ALA A 711 -387.80 306.29 -182.95
CA THR A 712 -390.11 307.36 -185.75
CA GLY A 713 -390.13 311.15 -185.58
CA PHE A 714 -392.22 314.19 -184.58
CA HYP A 715 -395.71 315.53 -185.56
CA GLY A 716 -396.31 318.40 -187.98
CA ALA A 717 -398.34 321.56 -188.51
CA ALA A 718 -402.10 322.01 -188.47
CA GLY A 719 -403.64 324.13 -191.18
CA ARG A 720 -403.05 327.29 -193.16
CA VAL A 721 -405.49 329.39 -195.18
CA GLY A 722 -408.92 328.80 -196.65
CA PRO A 723 -409.68 329.26 -200.40
CA HYP A 724 -412.49 331.48 -201.82
CA GLY A 725 -416.10 330.39 -202.35
CA PRO A 726 -419.29 330.63 -204.48
CA SER A 727 -420.76 333.89 -205.82
CA GLY A 728 -423.94 334.65 -203.89
CA ASN A 729 -427.23 334.46 -205.78
CA ALA A 730 -427.54 337.00 -208.62
CA GLY A 731 -429.82 339.71 -207.32
CA PRO A 732 -432.85 341.95 -207.90
CA HYP A 733 -433.73 342.30 -211.62
CA GLY A 734 -433.88 345.61 -213.44
CA PRO A 735 -436.89 348.01 -213.24
CA HYP A 736 -438.91 349.16 -216.31
CA GLY A 737 -437.72 351.79 -218.77
CA PRO A 738 -438.35 355.39 -219.98
CA VAL A 739 -441.50 356.65 -221.66
CA GLY A 740 -441.61 357.71 -225.31
CA LYS A 741 -442.22 360.88 -227.32
CA GLU A 742 -444.97 363.21 -228.54
CA GLY A 743 -447.79 362.54 -230.98
CA GLY A 744 -449.34 364.44 -233.85
CA LYS A 745 -452.36 366.60 -234.55
CA GLY A 746 -456.03 365.74 -234.29
CA PRO A 747 -459.18 365.66 -236.48
CA ARG A 748 -462.08 368.14 -236.36
CA GLY A 749 -465.55 368.10 -234.79
CA GLU A 750 -469.01 369.65 -234.37
CA THR A 751 -470.83 372.05 -236.69
CA GLY A 752 -472.75 375.31 -236.78
CA PRO A 753 -476.55 375.84 -237.10
CA ALA A 754 -477.03 378.97 -239.22
CA GLY A 755 -475.45 382.36 -239.96
CA ARG A 756 -476.98 385.79 -239.40
CA HYP A 757 -479.82 387.98 -240.79
CA GLY A 758 -479.60 388.88 -244.46
CA GLU A 759 -481.01 391.59 -246.74
CA VAL A 760 -484.00 392.10 -249.05
CA GLY A 761 -484.53 392.64 -252.77
CA PRO A 762 -484.74 395.89 -254.81
CA HYP A 763 -487.92 397.93 -255.39
CA GLY A 764 -490.78 396.55 -257.47
CA PRO A 765 -492.36 397.53 -260.85
CA HYP A 766 -494.19 400.89 -261.40
CA GLY A 767 -497.88 401.48 -260.78
CA PRO A 768 -501.20 401.70 -262.69
CA ALA A 769 -503.56 404.63 -263.24
CA GLY A 770 -506.91 405.29 -261.64
CA GLU A 771 -510.31 406.52 -262.80
CA LYS A 772 -510.75 409.46 -265.17
CA GLY A 773 -512.11 412.99 -265.25
CA SER A 774 -515.73 414.10 -264.99
CA HYP A 775 -518.26 416.34 -266.81
CA GLY A 776 -518.05 420.08 -266.19
CA ALA A 777 -517.58 423.61 -267.54
CA ASP A 778 -520.47 425.86 -268.61
CA GLY A 779 -522.53 426.34 -271.78
CA PRO A 780 -521.07 428.67 -274.48
CA ALA A 781 -523.08 430.92 -276.80
CA GLY A 782 -524.26 430.51 -280.39
CA SER A 783 -525.95 432.90 -282.80
CA HYP A 784 -528.86 435.36 -282.33
CA GLY A 785 -532.29 434.18 -283.35
CA THR A 786 -534.80 435.66 -285.79
CA PRO A 787 -537.36 438.51 -285.56
CA GLY A 788 -541.03 438.03 -284.65
CA PRO A 789 -544.60 439.44 -284.90
CA GLN A 790 -545.19 443.10 -285.85
CA GLY A 791 -548.63 444.04 -284.56
CA ILE A 792 -552.22 444.58 -285.62
CA ALA A 793 -552.69 447.01 -288.52
CA GLY A 794 -552.72 450.28 -286.58
CA GLN A 795 -554.89 453.30 -287.32
CA ARG A 796 -557.52 453.94 -289.97
CA GLY A 797 -555.88 456.98 -291.53
CA VAL A 798 -558.17 459.97 -292.14
CA VAL A 799 -561.23 461.14 -294.13
CA GLY A 800 -560.75 461.51 -297.89
CA LEU A 801 -561.49 464.60 -299.96
CA HYP A 802 -564.73 466.47 -300.76
CA GLY A 803 -566.59 466.01 -304.02
CA GLN A 804 -567.46 468.24 -306.97
CA ARG A 805 -570.36 470.61 -307.67
CA GLY A 806 -573.81 469.32 -308.55
CA LYS A 807 -574.88 470.08 -312.12
CA ARG A 808 -576.86 473.21 -312.91
CA GLY A 809 -580.37 474.15 -311.85
CA PHE A 810 -583.93 474.52 -313.14
CA HYP A 811 -586.22 477.40 -314.21
CA GLY A 812 -588.19 479.52 -311.81
CA LEU A 813 -591.68 481.00 -312.04
CA HYP A 814 -593.36 480.71 -315.46
CA GLY A 815 -594.07 484.39 -316.02
CA PRO A 816 -595.90 487.51 -314.68
CA SER A 817 -599.24 488.80 -315.96
CA GLY A 818 -600.39 491.25 -318.60
CA GLU A 819 -602.04 494.65 -318.79
CA HYP A 820 -605.50 495.89 -319.82
CA GLY A 821 -606.19 497.04 -323.38
CA LYS A 822 -607.86 500.06 -325.03
CA GLN A 823 -611.05 501.06 -326.91
CA GLY A 824 -612.01 500.41 -330.52
CA PRO A 825 -615.16 500.77 -332.66
CA SER A 826 -618.05 503.14 -331.95
CA GLY A 827 -621.44 503.62 -333.60
CA ALA A 828 -623.41 505.36 -336.33
CA SER A 829 -626.26 507.87 -336.57
CA GLY A 830 -628.16 505.67 -334.16
CA GLU A 831 -631.97 505.50 -334.16
CA ARG A 832 -632.86 507.15 -337.48
CA GLY A 833 -633.80 510.76 -336.79
CA PRO A 834 -636.72 512.68 -335.27
CA HYP A 835 -639.50 513.32 -337.81
CA GLY A 836 -640.38 516.87 -338.87
CA PRO A 837 -642.86 519.67 -337.93
CA MET A 838 -645.69 520.89 -340.18
CA GLY A 839 -644.43 523.48 -342.58
CA PRO A 840 -645.04 526.94 -344.04
CA HYP A 841 -648.18 528.92 -343.06
CA GLY A 842 -651.18 528.92 -345.46
CA LEU A 843 -651.47 532.25 -347.29
CA ALA A 844 -655.09 533.00 -348.09
CA GLY A 845 -657.53 532.22 -350.83
CA PRO A 846 -659.38 533.49 -353.92
CA HYP A 847 -661.91 536.36 -353.78
CA GLY A 848 -665.65 535.80 -353.36
CA GLU A 849 -668.75 536.68 -355.36
CA SER A 850 -670.84 539.68 -356.35
CA GLY A 851 -674.17 540.97 -355.08
CA ARG A 852 -677.65 539.56 -354.54
CA GLU A 853 -680.09 541.94 -356.22
CA GLY A 854 -681.69 544.79 -354.28
CA SER A 855 -685.45 544.86 -354.85
CA HYP A 856 -687.21 546.90 -357.60
CA GLY A 857 -687.77 550.66 -357.62
CA ALA A 858 -690.52 552.95 -356.34
CA GLU A 859 -693.42 554.63 -358.13
CA GLY A 860 -691.88 557.36 -360.25
CA SER A 861 -693.66 560.71 -360.41
CA HYP A 862 -696.92 562.14 -361.88
CA GLY A 863 -697.35 563.57 -365.38
CA ARG A 864 -699.59 566.30 -366.81
CA ASP A 865 -702.78 567.39 -368.54
CA GLY A 866 -705.58 564.88 -368.84
CA ALA A 867 -708.49 564.56 -371.25
CA HYP A 868 -711.21 566.91 -372.72
CA GLY A 869 -713.90 568.50 -370.56
CA ALA A 870 -717.61 568.34 -371.36
CA LYS A 871 -719.94 570.48 -373.54
CA GLY A 872 -722.74 572.70 -372.29
CA ASP A 873 -726.51 572.97 -372.65
CA ARG A 874 -728.71 575.74 -374.20
CA GLY A 875 -728.37 579.49 -373.71
CA GLU A 876 -729.73 582.72 -372.24
CA THR A 877 -732.11 582.21 -375.14
CA GLY A 878 -732.75 585.50 -377.02
CA PRO A 879 -734.94 588.63 -377.90
CA ALA A 880 -738.30 588.64 -379.66
CA GLY A 881 -738.37 591.49 -382.19
CA PRO A 882 -738.89 595.20 -382.92
CA HYP A 883 -741.42 596.71 -380.47
CA GLY A 884 -744.34 597.83 -382.62
CA ALA A 885 -744.45 599.56 -386.03
CA HYP A 886 -745.50 602.72 -387.97
CA GLY A 887 -749.13 603.31 -388.85
CA ALA A 888 -751.06 602.60 -392.05
CA HYP A 889 -753.70 604.79 -393.78
CA GLY A 890 -757.33 603.75 -394.20
CA ALA A 891 -760.52 605.23 -395.64
CA PRO A 892 -761.90 608.74 -396.34
CA GLY A 893 -763.63 610.85 -393.73
CA PRO A 894 -767.33 610.95 -392.70
CA VAL A 895 -769.51 613.49 -394.54
CA GLY A 896 -769.50 617.22 -395.12
CA PRO A 897 -772.44 619.34 -393.86
CA ALA A 898 -774.99 620.25 -396.58
CA GLY A 899 -776.64 622.95 -398.68
CA LYS A 900 -778.72 625.84 -397.36
CA ASN A 901 -781.39 628.06 -398.99
CA GLY A 902 -780.67 629.45 -402.45
CA ASP A 903 -781.40 632.23 -404.90
CA ARG A 904 -784.58 634.34 -404.86
CA GLY A 905 -787.05 632.91 -407.36
CA GLU A 906 -789.16 634.38 -410.16
CA THR A 907 -791.26 637.50 -409.47
CA GLY A 908 -794.92 636.79 -409.99
CA PRO A 909 -798.28 637.70 -411.62
CA ALA A 910 -799.79 641.19 -412.05
CA GLY A 911 -803.57 641.22 -412.54
CA PRO A 912 -806.33 639.91 -414.91
CA ALA A 913 -808.45 643.01 -415.38
CA GLY A 914 -810.30 645.75 -413.60
CA PRO A 915 -813.81 646.89 -412.57
CA ILE A 916 -815.50 649.74 -414.49
CA GLY A 917 -815.29 652.77 -412.22
CA PRO A 918 -818.03 654.81 -410.50
CA ALA A 919 -821.25 655.28 -412.43
CA GLY A 920 -821.90 657.82 -415.13
CA ALA A 921 -823.68 661.01 -416.17
CA ARG A 922 -826.51 662.08 -418.57
CA GLY A 923 -826.36 664.10 -421.81
CA PRO A 924 -825.73 667.90 -421.60
CA ALA A 925 -828.54 670.11 -422.95
CA GLY A 926 -831.55 667.90 -423.55
CA PRO A 927 -833.32 668.52 -426.89
CA GLN A 928 -836.91 669.80 -427.00
CA GLY A 929 -839.65 668.49 -429.27
CA PRO A 930 -842.88 670.54 -429.18
CA ARG A 931 -843.61 673.57 -431.42
CA GLY A 932 -847.19 674.79 -431.11
CA ASP A 933 -850.85 673.86 -431.57
CA LYZ A 934 -853.73 676.00 -432.69
CA GLY A 935 -855.11 679.30 -431.49
CA GLU A 936 -858.77 680.24 -432.00
CA THR A 937 -861.58 680.61 -434.58
CA GLY A 938 -863.70 683.18 -436.38
CA GLU A 939 -866.94 684.94 -435.51
CA GLN A 940 -870.31 685.85 -436.97
CA GLY A 941 -870.83 688.87 -439.16
CA ASP A 942 -871.50 692.16 -437.40
CA ARG A 943 -874.01 694.61 -438.91
CA GLY A 944 -874.59 695.33 -442.58
CA ILE A 945 -877.14 697.81 -443.81
CA LYZ A 946 -880.58 698.83 -442.61
CA GLY A 947 -882.59 699.76 -445.67
CA HIS A 948 -884.28 702.68 -447.46
CA ARG A 949 -887.74 704.22 -447.91
CA GLY A 950 -890.28 703.89 -450.69
CA PHE A 951 -891.97 706.56 -452.76
CA SER A 952 -895.19 708.01 -454.14
CA GLY A 953 -896.59 708.68 -457.60
CA LEU A 954 -900.30 709.56 -457.64
CA GLN A 955 -902.62 712.56 -457.30
CA GLY A 956 -906.41 712.64 -457.49
CA PRO A 957 -909.59 712.33 -459.57
CA HYP A 958 -910.88 715.42 -461.48
CA GLY A 959 -912.74 718.13 -459.62
CA SER A 960 -916.24 718.97 -460.82
CA HYP A 961 -917.25 720.45 -464.20
CA GLY A 962 -917.01 724.07 -463.14
CA SER A 963 -919.05 726.89 -464.61
CA HYP A 964 -921.33 726.53 -467.69
CA GLY A 965 -919.24 729.23 -469.28
CA GLU A 966 -921.31 731.97 -470.91
CA GLN A 967 -923.21 732.80 -474.10
CA GLY A 968 -922.47 734.32 -477.52
CA PRO A 969 -922.67 737.61 -479.55
CA SER A 970 -926.00 739.48 -479.58
CA GLY A 971 -929.17 740.31 -481.45
CA ALA A 972 -928.68 741.18 -485.12
CA SER A 973 -931.89 743.22 -485.44
CA GLY A 974 -935.50 743.42 -484.27
CA PRO A 975 -938.91 743.48 -486.08
CA ALA A 976 -940.36 746.90 -486.93
CA GLY A 977 -943.56 748.06 -485.28
CA PRO A 978 -947.13 748.38 -486.67
CA ARG A 979 -948.54 751.46 -488.44
CA GLY A 980 -950.63 754.34 -487.10
CA PRO A 981 -953.88 756.45 -487.21
CA HYP A 982 -956.16 757.47 -490.15
CA GLY A 983 -955.52 761.22 -490.13
CA SER A 984 -958.67 763.31 -489.86
CA ALA A 985 -960.72 764.86 -492.68
CA GLY A 986 -960.48 765.11 -496.45
CA SER A 987 -962.56 767.16 -498.89
CA HYP A 988 -965.86 769.06 -498.25
CA GLY A 989 -966.84 769.58 -501.90
CA LYS A 990 -967.03 772.87 -503.83
CA ASP A 991 -969.65 774.65 -505.96
CA GLY A 992 -971.01 774.34 -509.47
CA LEU A 993 -971.54 777.46 -511.56
CA ASN A 994 -974.08 780.11 -512.55
CA GLY A 995 -977.60 778.88 -513.15
CA LEU A 996 -979.74 779.21 -516.26
CA HYP A 997 -981.98 782.33 -516.57
CA GLY A 998 -985.54 782.39 -515.28
CA PRO A 999 -988.78 782.67 -517.29
CA ILE A 1000 -990.29 785.82 -518.82
CA GLY A 1001 -992.96 787.88 -517.06
CA HYP A 1002 -996.67 788.94 -516.89
CA HYP A 1003 -998.50 790.93 -519.61
CA GLY A 1004 -999.29 794.03 -517.56
CA PRO A 1005 -1002.36 796.15 -516.71
CA ARG A 1006 -1004.72 798.12 -518.98
CA GLY A 1007 -1003.64 799.04 -522.50
CA ARG A 1008 -1005.14 802.38 -523.56
CA THR A 1009 -1007.83 802.84 -526.18
CA GLY A 1010 -1007.90 804.63 -529.52
CA ASP A 1011 -1008.58 808.27 -530.39
CA SER A 1012 -1011.85 810.23 -530.43
CA GLY A 1013 -1014.67 809.03 -532.60
CA PRO A 1014 -1015.94 810.72 -535.79
CA ALA A 1015 -1018.43 813.57 -536.01
CA GLY A 1016 -1022.19 813.78 -536.54
CA PRO A 1017 -1024.59 814.75 -539.40
CA HYP A 1018 -1026.76 817.91 -539.68
CA GLY A 1019 -1030.34 818.31 -538.48
CA PRO A 1020 -1033.86 819.69 -539.27
CA HYP A 1021 -1034.88 821.78 -542.36
CA GLY A 1022 -1036.86 825.03 -542.36
CA PRO A 1023 -1040.40 826.74 -542.68
CA HYP A 1024 -1042.37 828.66 -545.45
CA GLY A 1025 -1045.30 831.01 -544.78
CA PRO A 1026 -1046.74 832.64 -548.02
CA HYP A 1027 -1050.37 833.88 -547.24
CA GLY A 1028 -1052.32 835.67 -550.06
CA PRO A 1029 -1053.09 838.82 -552.20
CA PRO A 1030 -1056.81 839.81 -552.14
CA SER A 1031 -1058.25 840.57 -555.58
CA GLY A 1032 -1061.74 839.86 -556.88
CA GLY A 1033 -1062.53 839.66 -560.58
CA TYR A 1034 -1064.56 842.14 -562.64
CA ASP A 1035 -1064.51 844.30 -565.81
CA PHE A 1036 -1065.56 847.64 -567.28
CA SER A 1037 -1067.53 849.14 -570.14
CA PHE A 1038 -1068.96 852.47 -571.38
CA LEU A 1039 -1072.73 852.98 -571.88
CA PRO A 1040 -1073.91 855.83 -574.23
CA GLN A 1041 -1076.58 858.46 -573.47
CA PRO A 1042 -1079.71 860.48 -574.52
CA PRO A 1043 -1080.74 864.18 -574.26
CA GLN A 1044 -1082.02 865.64 -571.00
CA GLU A 1045 -1080.81 863.18 -568.37
CA LYS A 1046 -1079.92 859.52 -567.75
CA SER A 1047 -1077.52 858.27 -565.07
CA GLN A 1048 -1076.55 854.67 -565.81
CA ASP A 1049 -1073.07 853.59 -564.73
CA GLY A 1050 -1071.23 850.91 -562.76
CA GLY A 1051 -1070.16 852.05 -559.33
CA ARG A 1052 -1068.08 850.00 -556.90
CA TYR A 1053 -1064.27 849.85 -556.72
CA TYR A 1054 -1063.49 846.87 -554.51
CA SER B 3 1088.04 -852.87 565.93
CA ASP B 4 1086.04 -850.24 564.06
CA LYS B 5 1083.12 -848.21 565.49
CA GLY B 6 1081.67 -845.89 562.87
CA VAL B 7 1078.63 -843.92 563.96
CA SER B 8 1076.48 -841.56 561.88
CA ALA B 9 1072.92 -841.10 560.63
CA GLY B 10 1072.06 -837.63 559.37
CA PRO B 11 1068.27 -837.24 559.83
CA GLY B 12 1066.35 -834.42 558.19
CA PRO B 13 1064.43 -834.65 554.88
CA MET B 14 1063.79 -831.12 553.59
CA GLY B 15 1060.99 -829.24 555.29
CA LEU B 16 1057.91 -829.01 553.12
CA MET B 17 1055.87 -826.08 551.81
CA GLY B 18 1053.65 -823.41 553.28
CA PRO B 19 1050.55 -821.17 552.80
CA ARG B 20 1048.56 -820.76 549.58
CA GLY B 21 1050.10 -818.31 547.12
CA PRO B 22 1048.58 -814.80 547.60
CA HYP B 23 1046.00 -813.60 545.00
CA GLY B 24 1047.19 -811.61 541.97
CA ALA B 25 1045.86 -808.87 539.66
CA VAL B 26 1042.20 -808.01 539.03
CA GLY B 27 1041.40 -807.56 535.36
CA ALA B 28 1042.30 -805.99 532.01
CA HYP B 29 1041.41 -802.49 530.73
CA GLY B 30 1037.85 -801.95 529.57
CA PRO B 31 1037.29 -801.47 525.80
CA GLN B 32 1034.01 -799.69 524.97
CA GLY B 33 1030.30 -800.46 525.13
CA PHE B 34 1027.07 -800.31 523.13
CA GLN B 35 1024.74 -797.39 522.39
CA GLY B 36 1021.40 -796.40 523.88
CA PRO B 37 1017.92 -794.74 523.73
CA ALA B 38 1017.00 -791.74 521.56
CA GLY B 39 1016.59 -788.13 522.60
CA GLU B 40 1013.54 -786.02 521.80
CA HYP B 41 1011.36 -786.32 518.66
CA GLY B 42 1011.79 -784.13 515.59
CA GLU B 43 1009.74 -780.93 515.35
CA HYP B 44 1006.50 -779.51 513.83
CA GLY B 45 1006.38 -778.18 510.29
CA GLN B 46 1005.23 -774.65 509.49
CA THR B 47 1001.91 -772.79 509.27
CA GLY B 48 1000.99 -772.89 505.62
CA PRO B 49 999.72 -770.77 502.70
CA ALA B 50 997.15 -768.00 503.01
CA GLY B 51 993.50 -768.41 502.17
CA SER B 52 992.66 -767.22 498.66
CA ARG B 53 990.03 -764.52 498.74
CA GLY B 54 986.58 -764.13 500.23
CA PRO B 55 983.14 -764.39 498.55
CA ALA B 56 981.47 -761.75 496.36
CA GLY B 57 978.86 -759.25 497.50
CA PRO B 58 975.03 -759.45 497.67
CA HYP B 59 972.69 -756.78 496.20
CA GLY B 60 973.23 -753.36 497.75
CA LYS B 61 970.72 -750.54 498.07
CA ALA B 62 968.14 -749.32 495.53
CA GLY B 63 967.40 -745.87 494.14
CA GLU B 64 965.77 -742.56 495.09
CA ASP B 65 962.90 -740.79 493.33
CA GLY B 66 962.08 -739.84 489.75
CA HIS B 67 961.72 -736.79 487.53
CA HYP B 68 958.52 -734.98 486.46
CA GLY B 69 956.20 -736.80 484.08
CA LYS B 70 955.64 -735.85 480.46
CA PRO B 71 952.75 -733.37 479.89
CA GLY B 72 949.75 -733.98 477.64
CA ARG B 73 947.36 -732.05 475.36
CA HYP B 74 944.52 -729.48 475.59
CA GLY B 75 941.69 -730.02 478.06
CA GLU B 76 938.67 -728.32 476.54
CA ARG B 77 937.60 -725.50 474.27
CA GLY B 78 935.80 -722.66 476.00
CA VAL B 79 932.65 -720.53 476.09
CA VAL B 80 930.83 -718.81 473.21
CA GLY B 81 929.94 -715.13 473.21
CA PRO B 82 927.79 -712.55 471.40
CA GLN B 83 926.31 -712.94 467.91
CA GLY B 84 927.80 -711.84 464.55
CA ALA B 85 928.34 -708.80 462.30
CA ARG B 86 925.74 -707.07 460.11
CA GLY B 87 925.24 -706.48 456.40
CA PHE B 88 923.64 -703.32 455.05
CA HYP B 89 920.35 -701.51 454.30
CA GLY B 90 918.29 -703.48 451.83
CA THR B 91 916.46 -702.06 448.81
CA HYP B 92 914.45 -698.77 448.76
CA GLY B 93 910.67 -698.52 448.79
CA LEU B 94 907.75 -698.20 446.37
CA HYP B 95 907.13 -694.66 445.00
CA GLY B 96 904.12 -692.45 445.67
CA PHE B 97 900.73 -692.08 443.97
CA LYZ B 98 899.01 -689.18 442.20
CA GLY B 99 896.64 -686.82 443.97
CA ILE B 100 892.83 -686.53 443.92
CA ARG B 101 890.27 -684.91 441.60
CA GLY B 102 889.93 -681.66 443.50
CA HIS B 103 886.79 -679.60 443.98
CA ASN B 104 883.71 -678.54 442.05
CA GLY B 105 883.93 -675.63 439.63
CA LEU B 106 881.33 -673.23 441.06
CA ASP B 107 877.84 -672.88 439.60
CA GLY B 108 876.70 -670.01 437.43
CA LEU B 109 874.60 -666.87 437.20
CA LYS B 110 870.96 -665.97 436.65
CA GLY B 111 869.04 -664.26 433.84
CA GLN B 112 867.42 -660.93 432.88
CA HYP B 113 864.25 -659.62 431.14
CA GLY B 114 864.53 -660.32 427.41
CA ALA B 115 861.95 -659.62 424.71
CA GLN B 116 859.35 -657.13 425.93
CA GLY B 117 855.59 -657.70 425.93
CA VAL B 118 853.10 -656.91 423.17
CA LYZ B 119 850.99 -653.75 423.23
CA GLY B 120 847.20 -653.50 423.41
CA GLU B 121 844.72 -653.85 420.55
CA HYP B 122 841.96 -651.69 419.00
CA GLY B 123 839.19 -651.43 421.56
CA ALA B 124 836.10 -650.07 419.83
CA HYP B 125 834.38 -646.82 418.68
CA GLY B 126 834.49 -643.86 421.01
CA GLU B 127 832.29 -640.83 420.42
CA ASN B 128 830.04 -639.68 417.57
CA GLY B 129 830.28 -636.77 415.14
CA THR B 130 828.30 -633.59 414.34
CA HYP B 131 824.79 -632.27 413.33
CA GLY B 132 823.69 -631.74 409.77
CA GLN B 133 822.40 -628.53 408.32
CA ALA B 134 819.16 -626.99 407.10
CA GLY B 135 817.84 -627.09 403.55
CA ALA B 136 816.08 -625.15 400.82
CA ARG B 137 812.64 -623.64 401.44
CA GLY B 138 810.90 -625.46 398.60
CA LEU B 139 807.46 -624.43 399.84
CA HYP B 140 807.04 -620.64 399.29
CA GLY B 141 803.92 -619.12 400.83
CA GLU B 142 800.13 -619.62 401.07
CA ARG B 143 799.62 -616.37 399.13
CA GLY B 144 797.26 -613.63 400.28
CA ARG B 145 793.48 -613.74 400.34
CA VAL B 146 790.85 -611.77 398.41
CA GLY B 147 791.33 -607.99 398.17
CA ALA B 148 790.06 -604.52 399.04
CA HYP B 149 786.94 -603.51 397.05
CA GLY B 150 786.45 -600.19 395.22
CA PRO B 151 784.29 -597.01 395.06
CA ALA B 152 780.59 -597.37 394.21
CA GLY B 153 780.66 -594.66 391.57
CA ALA B 154 779.81 -591.33 393.19
CA ARG B 155 776.77 -589.68 391.62
CA GLY B 156 774.35 -591.80 389.64
CA SER B 157 773.05 -590.88 386.20
CA ASP B 158 770.41 -588.72 384.48
CA GLY B 159 766.84 -589.95 384.00
CA SER B 160 764.11 -589.06 381.47
CA VAL B 161 761.46 -586.40 380.97
CA GLY B 162 758.38 -587.72 382.76
CA PRO B 163 754.74 -587.40 381.58
CA VAL B 164 753.44 -584.00 380.35
CA GLY B 165 751.00 -581.76 382.23
CA PRO B 166 747.48 -583.14 382.70
CA ALA B 167 744.90 -582.73 379.97
CA GLY B 168 743.54 -579.25 379.35
CA PRO B 169 740.64 -577.92 381.49
CA ILE B 170 738.25 -577.21 378.64
CA GLY B 171 737.28 -573.96 376.92
CA SER B 172 735.53 -570.61 377.22
CA ALA B 173 731.98 -569.86 376.09
CA GLY B 174 731.50 -567.86 372.90
CA PRO B 175 729.02 -565.85 370.76
CA HYP B 176 725.46 -567.23 370.78
CA GLY B 177 723.85 -568.90 367.78
CA PHE B 178 722.01 -566.97 365.11
CA HYP B 179 718.47 -565.73 364.33
CA GLY B 180 716.61 -567.14 361.35
CA ALA B 181 714.30 -565.48 358.78
CA HYP B 182 712.02 -562.41 359.24
CA GLY B 183 708.40 -563.31 359.85
CA PRO B 184 704.87 -563.64 358.42
CA LYZ B 185 702.91 -560.70 357.04
CA GLY B 186 700.90 -558.47 359.32
CA GLU B 187 697.39 -557.26 358.73
CA LEU B 188 695.54 -554.85 356.43
CA GLY B 189 693.95 -551.53 357.35
CA PRO B 190 690.47 -550.26 358.36
CA VAL B 191 688.18 -548.35 356.00
CA GLY B 192 688.03 -544.72 355.02
CA ASN B 193 685.82 -541.73 355.60
CA HYP B 194 682.90 -541.11 353.16
CA GLY B 195 682.81 -538.89 350.08
CA PRO B 196 683.12 -535.06 349.78
CA ALA B 197 680.01 -532.90 349.34
CA GLY B 198 677.29 -532.63 346.70
CA PRO B 199 676.61 -530.22 343.79
CA ALA B 200 673.39 -529.03 345.48
CA GLY B 201 670.90 -530.17 342.85
CA PRO B 202 668.38 -529.15 340.13
CA ARG B 203 666.81 -525.71 340.25
CA GLY B 204 663.16 -524.98 340.86
CA GLU B 205 660.73 -525.33 337.99
CA ALA B 206 658.02 -522.95 336.56
CA GLY B 207 656.60 -519.65 337.80
CA LEU B 208 653.25 -518.28 338.88
CA HYP B 209 650.55 -516.84 336.55
CA GLY B 210 650.14 -513.15 335.80
CA LEU B 211 647.58 -510.86 337.44
CA SER B 212 644.11 -509.37 336.71
CA GLY B 213 642.93 -505.88 335.69
CA PRO B 214 639.89 -503.47 335.26
CA VAL B 215 636.69 -504.25 333.40
CA GLY B 216 636.09 -501.96 330.41
CA PRO B 217 634.24 -498.83 329.16
CA HYP B 218 630.44 -498.56 329.56
CA GLY B 219 629.13 -498.80 326.00
CA ASN B 220 626.97 -497.04 323.34
CA PRO B 221 624.69 -494.06 324.06
CA GLY B 222 621.04 -493.87 323.09
CA ALA B 223 619.92 -495.19 319.75
CA ASN B 224 617.52 -493.66 317.31
CA GLY B 225 613.93 -493.13 318.41
CA LEU B 226 610.80 -494.08 316.47
CA THR B 227 607.64 -492.89 314.78
CA GLY B 228 606.61 -490.33 317.32
CA ALA B 229 602.95 -491.22 316.99
CA LYZ B 230 600.59 -489.03 314.99
CA GLY B 231 599.67 -485.42 315.63
CA ALA B 232 596.12 -484.09 315.74
CA THR B 233 593.76 -483.00 313.00
CA GLY B 234 593.48 -479.50 311.60
CA LEU B 235 590.71 -477.21 312.75
CA HYP B 236 588.55 -475.62 311.86
CA GLY B 237 588.12 -473.69 308.61
CA VAL B 238 586.04 -470.79 307.19
CA ALA B 239 582.76 -469.83 305.53
CA GLY B 240 582.37 -468.47 302.03
CA ALA B 241 581.02 -464.95 301.79
CA HYP B 242 577.79 -462.97 301.23
CA GLY B 243 575.69 -463.91 298.26
CA LEU B 244 574.04 -462.11 295.38
CA HYP B 245 571.60 -459.19 295.84
CA GLY B 246 567.99 -459.67 294.81
CA PRO B 247 566.05 -459.97 291.50
CA ARG B 248 564.50 -456.80 290.06
CA GLY B 249 561.47 -455.45 291.87
CA ILE B 250 558.14 -455.71 290.05
CA HYP B 251 557.10 -452.33 288.56
CA GLY B 252 555.01 -450.14 290.82
CA PRO B 253 552.00 -447.86 290.21
CA VAL B 254 551.20 -446.38 286.83
CA GLY B 255 550.99 -442.80 285.63
CA ALA B 256 547.22 -442.95 286.12
CA ALA B 257 546.35 -441.51 282.67
CA GLY B 258 546.83 -438.37 280.55
CA ALA B 259 546.48 -436.26 277.37
CA THR B 260 543.44 -434.25 276.21
CA GLY B 261 543.72 -434.50 272.46
CA PRO B 262 542.22 -432.19 269.80
CA ARG B 263 539.35 -429.71 269.76
CA GLY B 264 535.77 -429.99 268.56
CA LEU B 265 533.91 -428.51 265.58
CA VAL B 266 531.78 -425.52 264.58
CA GLY B 267 528.05 -424.85 264.33
CA GLU B 268 525.18 -425.02 261.85
CA HYP B 269 522.86 -422.37 260.31
CA GLY B 270 519.96 -420.97 262.29
CA PRO B 271 516.68 -419.00 262.13
CA ALA B 272 515.72 -416.58 259.37
CA GLY B 273 514.30 -413.09 259.22
CA SER B 274 510.69 -412.46 260.15
CA LYZ B 275 509.20 -409.73 257.99
CA GLY B 276 509.00 -406.54 260.04
CA GLU B 277 506.16 -404.96 258.05
CA THR B 278 504.75 -404.56 254.53
CA GLY B 279 504.41 -400.81 254.32
CA ASN B 280 501.50 -398.53 253.54
CA LYS B 281 499.26 -399.41 250.59
CA GLY B 282 499.23 -399.07 246.80
CA GLU B 283 498.10 -396.23 244.52
CA HYP B 284 494.71 -394.77 243.49
CA GLY B 285 493.26 -395.18 240.01
CA SER B 286 492.95 -392.69 237.20
CA ALA B 287 490.12 -390.20 236.85
CA GLY B 288 486.33 -390.34 236.93
CA ALA B 289 483.68 -390.24 234.21
CA GLN B 290 481.69 -387.11 233.42
CA GLY B 291 478.13 -386.20 234.35
CA PRO B 292 474.71 -385.90 232.61
CA HYP B 293 474.21 -383.59 229.59
CA GLY B 294 471.89 -380.60 229.68
CA PRO B 295 468.07 -380.45 229.98
CA SER B 296 466.34 -377.54 228.22
CA GLY B 297 467.20 -373.88 227.88
CA GLU B 298 464.51 -371.18 227.83
CA GLU B 299 461.52 -370.25 225.65
CA GLY B 300 461.79 -367.56 222.99
CA LYS B 301 460.55 -363.99 223.27
CA ARG B 302 458.41 -363.63 220.14
CA GLY B 303 459.85 -362.77 216.72
CA SER B 304 457.73 -361.17 214.02
CA PRO B 305 455.46 -358.11 214.48
CA GLY B 306 451.95 -357.45 213.24
CA GLU B 307 450.83 -356.65 209.73
CA PRO B 308 449.69 -353.46 207.95
CA GLY B 309 445.95 -353.38 207.27
CA SER B 310 443.88 -352.65 204.18
CA ALA B 311 441.63 -349.74 203.24
CA GLY B 312 437.89 -349.70 203.89
CA PRO B 313 434.51 -349.59 202.08
CA ALA B 314 432.39 -346.56 201.16
CA GLY B 315 430.70 -345.40 204.36
CA PRO B 316 427.69 -343.34 205.57
CA HYP B 317 425.22 -342.46 202.74
CA GLY B 318 424.72 -339.08 201.11
CA LEU B 319 422.50 -336.09 201.76
CA ARG B 320 420.86 -335.07 198.46
CA GLY B 321 422.10 -332.49 195.97
CA SER B 322 420.37 -329.24 194.99
CA HYP B 323 416.63 -328.50 195.33
CA GLY B 324 414.63 -328.91 192.14
CA SER B 325 414.62 -326.00 189.72
CA ARG B 326 411.82 -323.43 189.64
CA GLY B 327 408.66 -323.72 187.57
CA LEU B 328 407.73 -321.72 184.49
CA HYP B 329 405.32 -319.04 183.23
CA GLY B 330 401.95 -319.65 181.63
CA ALA B 331 399.76 -317.77 179.19
CA ASP B 332 397.55 -314.75 179.88
CA GLY B 333 394.36 -315.50 181.79
CA ARG B 334 391.40 -313.41 180.69
CA ALA B 335 390.53 -310.64 178.24
CA GLY B 336 387.61 -308.39 177.45
CA VAL B 337 384.34 -308.85 179.32
CA MET B 338 381.02 -307.80 177.81
CA GLY B 339 380.58 -304.89 175.41
CA PRO B 340 378.59 -301.75 176.33
CA PRO B 341 375.69 -300.82 174.00
CA GLY B 342 375.30 -297.48 172.33
CA ASN B 343 372.80 -294.81 173.27
CA ARG B 344 369.93 -294.54 170.78
CA GLY B 345 370.32 -292.85 167.42
CA SER B 346 369.31 -289.27 166.61
CA THR B 347 366.10 -287.41 165.88
CA GLY B 348 363.67 -287.47 162.98
CA PRO B 349 361.99 -284.60 161.09
CA ALA B 350 359.17 -282.28 162.14
CA GLY B 351 355.63 -283.34 162.91
CA VAL B 352 352.84 -283.87 160.48
CA ARG B 353 352.39 -280.57 158.71
CA GLY B 354 349.06 -280.26 160.47
CA PRO B 355 345.28 -279.72 160.00
CA ASN B 356 343.89 -277.99 156.90
CA GLY B 357 342.18 -275.29 158.94
CA ASP B 358 338.44 -274.63 159.16
CA ALA B 359 336.22 -271.50 159.61
CA GLY B 360 333.78 -270.01 157.08
CA ARG B 361 332.23 -266.56 157.67
CA HYP B 362 328.84 -265.34 156.32
CA GLY B 363 328.15 -262.46 153.92
CA GLU B 364 325.58 -259.56 153.35
CA HYP B 365 322.06 -259.05 151.75
CA GLY B 366 321.58 -258.72 148.01
CA LEU B 367 319.98 -255.62 146.52
CA MET B 368 316.44 -254.30 146.94
CA GLY B 369 314.14 -253.84 143.97
CA PRO B 370 312.40 -251.55 141.41
CA ARG B 371 309.23 -249.54 141.93
CA GLY B 372 306.32 -251.43 140.38
CA LEU B 373 304.38 -249.12 138.04
CA HYP B 374 301.42 -246.95 139.12
CA GLY B 375 299.67 -248.15 142.26
CA SER B 376 296.54 -248.63 140.13
CA HYP B 377 292.99 -247.43 140.93
CA GLY B 378 290.77 -248.84 143.64
CA ASN B 379 287.53 -246.95 144.22
CA VAL B 380 285.45 -244.22 142.58
CA GLY B 381 282.92 -241.46 143.30
CA PRO B 382 279.74 -239.75 141.97
CA ALA B 383 279.31 -238.59 138.36
CA GLY B 384 277.53 -235.65 136.74
CA LYS B 385 275.65 -233.05 138.75
CA GLU B 386 272.62 -231.31 137.31
CA GLY B 387 271.86 -229.57 134.01
CA PRO B 388 269.85 -226.66 132.48
CA VAL B 389 266.72 -227.58 130.60
CA GLY B 390 265.56 -227.02 127.06
CA LEU B 391 263.67 -224.03 125.69
CA HYP B 392 261.39 -222.61 128.42
CA GLY B 393 257.65 -222.37 127.98
CA ILE B 394 256.23 -220.36 125.08
CA ASP B 395 252.94 -219.40 123.41
CA GLY B 396 250.23 -217.46 125.24
CA ARG B 397 246.47 -217.19 125.91
CA HYP B 398 243.50 -215.43 124.23
CA GLY B 399 241.44 -212.88 126.10
CA PRO B 400 238.03 -211.22 126.59
CA ILE B 401 235.87 -209.66 123.76
CA GLY B 402 234.75 -206.08 124.31
CA PRO B 403 231.64 -203.90 124.86
CA ALA B 404 229.34 -202.56 122.09
CA GLY B 405 228.93 -198.79 121.95
CA PRO B 406 226.26 -196.14 121.13
CA ARG B 407 222.69 -196.63 119.91
CA GLY B 408 221.71 -195.35 116.48
CA GLU B 409 220.73 -191.73 115.85
CA ALA B 410 218.90 -189.40 113.47
CA GLY B 411 215.55 -190.50 112.06
CA ASN B 412 212.97 -189.63 109.38
CA ILE B 413 209.43 -188.13 108.93
CA GLY B 414 206.61 -188.99 106.51
CA PHE B 415 203.15 -188.28 105.05
CA HYP B 416 201.20 -184.94 104.99
CA GLY B 417 197.75 -184.00 106.27
CA PRO B 418 194.28 -183.00 105.01
CA LYS B 419 192.66 -179.57 105.31
CA GLY B 420 190.65 -178.02 108.11
CA PRO B 421 187.21 -176.65 109.16
CA SER B 422 185.21 -173.87 107.45
CA GLY B 423 184.62 -170.29 108.64
CA ASP B 424 181.88 -169.15 111.03
CA HYP B 425 179.10 -166.57 111.42
CA GLY B 426 179.98 -162.89 111.14
CA LYS B 427 178.05 -161.16 113.92
CA HYP B 428 174.91 -159.00 113.39
CA GLY B 429 174.49 -157.61 109.89
CA GLU B 430 174.10 -153.97 108.91
CA LYS B 431 171.29 -151.47 109.48
CA GLY B 432 169.89 -151.14 105.98
CA HIS B 433 168.88 -148.44 103.47
CA PRO B 434 165.87 -146.08 102.79
CA GLY B 435 163.53 -145.35 99.85
CA LEU B 436 160.05 -143.81 99.74
CA ALA B 437 159.84 -140.82 102.08
CA GLY B 438 156.36 -141.41 103.46
CA ALA B 439 152.99 -142.12 101.79
CA ARG B 440 150.99 -139.45 99.91
CA GLY B 441 150.30 -137.25 102.93
CA ALA B 442 146.55 -137.40 103.60
CA HYP B 443 144.04 -134.60 102.63
CA GLY B 444 144.74 -131.01 103.62
CA PRO B 445 143.42 -127.40 103.64
CA ASP B 446 140.75 -125.95 101.25
CA GLY B 447 139.66 -122.63 99.76
CA ASN B 448 136.47 -120.76 100.73
CA ASN B 449 133.12 -119.74 99.20
CA GLY B 450 132.42 -117.93 95.94
CA ALA B 451 130.14 -114.96 95.26
CA GLN B 452 127.72 -114.95 92.33
CA GLY B 453 128.18 -118.47 91.00
CA PRO B 454 125.82 -119.84 88.31
CA HYP B 455 123.13 -117.25 87.30
CA GLY B 456 119.81 -118.25 85.74
CA PRO B 457 116.79 -117.09 83.64
CA GLN B 458 116.65 -113.50 82.41
CA GLY B 459 113.01 -112.90 83.26
CA VAL B 460 109.57 -113.34 81.68
CA GLN B 461 106.90 -110.76 80.63
CA GLY B 462 104.39 -108.31 82.09
CA GLY B 463 100.63 -107.91 81.79
CA LYS B 464 97.92 -105.54 80.64
CA GLY B 465 98.29 -101.78 80.76
CA GLU B 466 95.51 -99.36 81.69
CA GLN B 467 92.65 -98.76 79.26
CA GLY B 468 93.06 -95.99 76.73
CA PRO B 469 91.88 -92.57 75.52
CA ALA B 470 88.27 -91.89 74.59
CA GLY B 471 86.84 -91.60 71.09
CA PRO B 472 86.40 -88.22 69.26
CA HYP B 473 82.95 -86.49 69.02
CA GLY B 474 80.52 -87.02 66.15
CA PHE B 475 79.26 -84.53 63.55
CA GLN B 476 77.54 -81.15 63.28
CA GLY B 477 73.89 -81.15 62.21
CA LEU B 478 71.32 -81.17 59.39
CA HYP B 479 68.71 -78.67 58.08
CA GLY B 480 65.50 -78.14 60.03
CA PRO B 481 61.76 -78.06 59.10
CA SER B 482 60.10 -75.63 56.71
CA GLY B 483 57.57 -72.86 57.28
CA THR B 484 53.96 -71.96 56.52
CA ALA B 485 51.67 -69.22 55.17
CA GLY B 486 52.34 -65.49 55.49
CA GLU B 487 50.20 -62.40 56.02
CA VAL B 488 48.06 -61.32 53.05
CA GLY B 489 50.48 -59.17 51.05
CA LYS B 490 49.71 -56.23 48.78
CA HYP B 491 46.41 -54.63 47.72
CA GLY B 492 45.00 -54.33 44.22
CA GLU B 493 45.70 -51.59 41.69
CA ARG B 494 43.04 -49.59 39.83
CA GLY B 495 41.83 -50.47 36.35
CA LEU B 496 39.10 -49.29 34.01
CA PRO B 497 37.38 -45.89 34.13
CA GLY B 498 33.60 -46.04 33.72
CA GLU B 499 31.62 -45.08 30.58
CA PHE B 500 29.73 -41.84 29.80
CA GLY B 501 26.62 -41.86 31.96
CA LEU B 502 23.06 -41.10 30.90
CA HYP B 503 22.44 -38.38 28.26
CA GLY B 504 19.60 -35.85 28.35
CA PRO B 505 16.08 -35.46 26.84
CA ALA B 506 15.25 -33.60 23.61
CA GLY B 507 14.92 -29.85 23.15
CA PRO B 508 12.32 -27.03 23.45
CA ARG B 509 10.16 -25.63 20.64
CA GLY B 510 10.71 -23.39 17.60
CA GLU B 511 10.00 -19.65 18.01
CA ARG B 512 7.28 -17.05 17.33
CA GLY B 513 4.47 -18.13 15.03
CA PRO B 514 4.27 -16.21 11.71
CA HYP B 515 1.04 -14.73 10.27
CA GLY B 516 -1.65 -17.20 9.21
CA GLU B 517 -3.92 -16.13 6.36
CA SER B 518 -5.99 -12.99 5.84
CA GLY B 519 -9.68 -13.69 6.47
CA ALA B 520 -12.00 -12.36 3.77
CA ALA B 521 -14.11 -9.43 2.56
CA GLY B 522 -16.46 -8.41 5.35
CA PRO B 523 -19.97 -6.91 4.92
CA SER B 524 -21.05 -4.94 1.86
CA GLY B 525 -22.75 -1.57 1.61
CA PRO B 526 -26.23 -0.31 2.65
CA ILE B 527 -28.94 1.09 0.34
CA GLY B 528 -28.84 4.42 -1.48
CA ILE B 529 -31.73 6.87 -1.36
CA ARG B 530 -34.24 8.31 -3.84
CA GLY B 531 -33.97 9.59 -7.39
CA PRO B 532 -34.68 12.54 -9.75
CA SER B 533 -38.18 13.72 -10.73
CA GLY B 534 -38.58 13.90 -14.49
CA ALA B 535 -38.96 16.03 -17.61
CA HYP B 536 -41.12 19.18 -17.67
CA GLY B 537 -44.88 19.25 -18.14
CA PRO B 538 -46.66 19.35 -21.52
CA ASP B 539 -49.36 21.92 -22.26
CA GLY B 540 -53.05 21.29 -22.82
CA ASN B 541 -55.03 23.47 -25.24
CA LYS B 542 -56.36 26.73 -23.83
CA GLY B 543 -58.62 28.23 -21.19
CA GLU B 544 -61.85 28.18 -23.17
CA ALA B 545 -63.43 30.36 -25.88
CA GLY B 546 -66.32 32.50 -24.65
CA ALA B 547 -70.09 32.77 -24.49
CA VAL B 548 -72.28 34.50 -27.10
CA GLY B 549 -72.58 38.24 -26.65
CA ALA B 550 -75.14 41.00 -26.36
CA PRO B 551 -78.02 42.46 -28.42
CA GLY B 552 -76.91 45.08 -30.91
CA SER B 553 -78.78 48.22 -31.96
CA ALA B 554 -82.35 47.84 -33.23
CA GLY B 555 -81.80 49.79 -36.42
CA ALA B 556 -83.43 53.01 -37.60
CA SER B 557 -86.77 54.74 -38.18
CA GLY B 558 -87.22 54.18 -41.90
CA PRO B 559 -86.64 55.73 -45.36
CA GLY B 560 -88.62 58.35 -47.24
CA GLY B 561 -92.00 59.09 -45.73
CA LEU B 562 -95.31 59.11 -47.54
CA HYP B 563 -97.94 61.35 -49.12
CA GLY B 564 -100.92 62.84 -47.33
CA GLU B 565 -104.52 63.76 -48.14
CA ARG B 566 -104.09 66.20 -51.03
CA GLY B 567 -106.30 69.16 -50.23
CA ALA B 568 -110.00 68.51 -50.70
CA ALA B 569 -111.39 70.60 -53.53
CA GLY B 570 -112.53 74.06 -54.52
CA ILE B 571 -114.58 75.15 -51.54
CA HYP B 572 -117.91 76.90 -52.21
CA GLY B 573 -117.62 80.23 -54.01
CA GLY B 574 -119.52 82.44 -56.43
CA LYS B 575 -122.94 83.91 -57.26
CA GLY B 576 -124.93 84.10 -60.49
CA GLU B 577 -126.31 87.55 -61.24
CA LYS B 578 -130.01 88.31 -61.40
CA GLY B 579 -132.35 88.39 -64.38
CA GLU B 580 -133.68 91.47 -66.18
CA THR B 581 -136.85 93.52 -66.86
CA GLY B 582 -139.95 91.60 -65.81
CA LEU B 583 -143.54 92.59 -66.58
CA ARG B 584 -144.56 96.24 -66.98
CA GLY B 585 -147.71 98.08 -66.03
CA GLU B 586 -150.77 98.30 -68.26
CA ILE B 587 -151.90 101.05 -70.64
CA GLY B 588 -153.16 103.78 -68.33
CA ASN B 589 -156.07 106.18 -67.86
CA PRO B 590 -157.37 108.23 -70.85
CA GLY B 591 -157.90 111.99 -71.09
CA ARG B 592 -159.64 114.79 -69.20
CA ASP B 593 -159.93 118.55 -69.43
CA GLY B 594 -158.19 119.51 -72.66
CA ALA B 595 -157.66 123.26 -72.71
CA ARG B 596 -160.71 125.38 -73.56
CA GLY B 597 -162.42 125.73 -76.93
CA ALA B 598 -163.71 128.46 -79.27
CA HYP B 599 -166.66 130.83 -79.66
CA GLY B 600 -169.49 128.56 -80.66
CA ALA B 601 -170.40 131.19 -83.32
CA ILE B 602 -173.48 133.49 -83.38
CA GLY B 603 -176.93 132.44 -82.28
CA ALA B 604 -180.44 132.70 -83.64
CA HYP B 605 -181.64 135.89 -85.36
CA GLY B 606 -184.01 138.24 -83.54
CA PRO B 607 -187.73 139.17 -83.33
CA ALA B 608 -189.42 141.68 -85.64
CA GLY B 609 -189.26 144.63 -83.29
CA ALA B 610 -191.43 147.75 -83.16
CA SER B 611 -194.01 148.76 -85.79
CA GLY B 612 -195.55 152.10 -86.76
CA ASP B 613 -197.46 155.02 -85.25
CA ARG B 614 -200.27 157.19 -86.64
CA GLY B 615 -201.31 157.89 -90.20
CA GLU B 616 -202.31 161.28 -91.59
CA ALA B 617 -205.39 163.00 -93.07
CA GLY B 618 -206.88 162.95 -96.56
CA ALA B 619 -208.13 165.25 -99.33
CA ALA B 620 -211.15 167.61 -99.39
CA GLY B 621 -214.19 168.39 -101.54
CA PRO B 622 -214.11 169.92 -105.05
CA SER B 623 -217.32 171.96 -104.94
CA GLY B 624 -220.27 172.00 -102.60
CA PRO B 625 -224.03 172.10 -103.16
CA ALA B 626 -225.25 174.27 -106.04
CA GLY B 627 -226.98 177.66 -106.02
CA PRO B 628 -230.73 177.12 -106.52
CA ARG B 629 -231.74 179.88 -108.87
CA GLY B 630 -232.94 183.24 -107.59
CA SER B 631 -235.84 185.57 -106.85
CA PRO B 632 -238.89 185.06 -109.15
CA GLY B 633 -239.11 188.49 -110.80
CA GLU B 634 -241.47 191.50 -111.17
CA ARG B 635 -243.76 193.57 -113.43
CA GLY B 636 -243.33 193.87 -117.17
CA GLU B 637 -244.32 196.46 -119.82
CA VAL B 638 -247.08 197.37 -122.41
CA GLY B 639 -247.85 196.99 -126.09
CA PRO B 640 -249.61 198.77 -128.99
CA ALA B 641 -252.68 200.97 -128.54
CA GLY B 642 -255.76 200.65 -130.72
CA PRO B 643 -257.54 203.82 -132.03
CA ASN B 644 -261.00 205.13 -130.98
CA GLY B 645 -263.01 202.54 -129.11
CA PHE B 646 -266.27 201.05 -130.30
CA ALA B 647 -268.17 204.09 -131.55
CA GLY B 648 -269.88 207.31 -130.55
CA PRO B 649 -273.55 208.48 -130.28
CA ALA B 650 -274.84 210.98 -132.89
CA GLY B 651 -276.23 213.42 -130.34
CA SER B 652 -279.14 215.47 -131.69
CA ALA B 653 -281.08 215.29 -134.94
CA GLY B 654 -281.09 219.02 -135.72
CA GLN B 655 -283.66 221.74 -136.53
CA HYP B 656 -287.40 220.99 -136.13
CA GLY B 657 -287.97 221.85 -139.77
CA ALA B 658 -289.09 224.77 -141.91
CA LYZ B 659 -291.98 227.14 -142.68
CA GLY B 660 -295.06 226.35 -144.78
CA GLU B 661 -297.87 228.01 -146.73
CA LYS B 662 -301.56 228.45 -146.00
CA GLY B 663 -304.96 227.32 -147.24
CA THR B 664 -306.63 227.73 -150.62
CA LYS B 665 -309.86 228.88 -152.33
CA GLY B 666 -313.05 229.47 -150.36
CA PRO B 667 -316.82 230.15 -150.84
CA LYS B 668 -318.30 233.52 -151.72
CA GLY B 669 -320.77 235.82 -149.97
CA GLU B 670 -324.27 237.11 -150.75
CA ASN B 671 -325.77 240.66 -150.52
CA GLY B 672 -328.28 242.87 -148.70
CA ILE B 673 -331.80 244.19 -148.63
CA VAL B 674 -333.16 246.56 -151.21
CA GLY B 675 -335.73 249.37 -151.35
CA PRO B 676 -338.96 250.84 -152.88
CA THR B 677 -337.70 253.34 -155.44
CA GLY B 678 -334.52 255.19 -156.32
CA PRO B 679 -333.46 257.21 -159.41
CA VAL B 680 -335.72 258.96 -161.91
CA GLY B 681 -335.79 260.37 -165.45
CA ALA B 682 -334.22 263.53 -166.84
CA ALA B 683 -335.76 266.75 -168.21
CA GLY B 684 -339.29 267.28 -169.48
CA PRO B 685 -341.03 268.20 -172.79
CA SER B 686 -342.60 271.63 -173.42
CA GLY B 687 -345.66 273.36 -172.04
CA PRO B 688 -349.40 272.80 -172.72
CA ASN B 689 -351.27 275.56 -174.54
CA GLY B 690 -352.96 278.88 -173.84
CA PRO B 691 -356.35 280.31 -172.71
CA PRO B 692 -359.08 282.24 -174.67
CA GLY B 693 -360.04 285.92 -174.39
CA PRO B 694 -362.55 288.01 -172.37
CA ALA B 695 -365.75 289.66 -173.46
CA GLY B 696 -365.55 292.79 -175.56
CA SER B 697 -367.13 296.05 -174.41
CA ARG B 698 -370.42 297.95 -174.89
CA GLY B 699 -370.19 298.77 -178.60
CA ASP B 700 -372.21 301.87 -179.46
CA GLY B 701 -375.22 303.18 -181.40
CA GLY B 702 -375.89 302.78 -185.11
CA PRO B 703 -378.53 303.87 -187.68
CA PRO B 704 -380.54 307.01 -186.77
CA GLY B 705 -384.31 306.79 -186.52
CA MET B 706 -386.99 307.72 -189.01
CA THR B 707 -389.27 310.64 -189.88
CA GLY B 708 -392.87 311.52 -189.15
CA PHE B 709 -396.27 311.47 -190.93
CA HYP B 710 -398.84 313.74 -192.75
CA GLY B 711 -400.98 316.29 -190.94
CA ALA B 712 -404.62 317.12 -190.25
CA ALA B 713 -406.50 320.04 -191.79
CA GLY B 714 -407.25 323.72 -191.28
CA ARG B 715 -410.40 325.78 -191.71
CA THR B 716 -412.12 328.19 -194.09
CA GLY B 717 -411.66 331.63 -195.60
CA PRO B 718 -413.46 334.72 -197.04
CA HYP B 719 -416.59 334.95 -199.28
CA GLY B 720 -416.60 335.66 -203.01
CA PRO B 721 -418.21 337.57 -205.94
CA SER B 722 -421.93 337.77 -206.74
CA GLY B 723 -423.42 338.57 -210.13
CA ILE B 724 -421.74 339.15 -213.50
CA THR B 725 -424.04 339.84 -216.46
CA GLY B 726 -427.67 339.79 -217.56
CA PRO B 727 -430.14 340.10 -220.49
CA HYP B 728 -431.80 343.37 -221.71
CA GLY B 729 -434.33 345.49 -219.79
CA PRO B 730 -438.12 346.01 -220.29
CA HYP B 731 -439.39 348.89 -222.50
CA GLY B 732 -441.03 351.31 -220.09
CA ALA B 733 -444.35 353.18 -220.01
CA ALA B 734 -446.44 354.84 -222.72
CA GLY B 735 -446.06 358.13 -224.61
CA LYS B 736 -448.63 360.81 -223.75
CA GLU B 737 -451.17 362.38 -226.12
CA GLY B 738 -451.42 364.62 -229.18
CA ILE B 739 -451.88 368.26 -230.12
CA ARG B 740 -454.46 370.47 -231.83
CA GLY B 741 -455.15 370.17 -235.56
CA PRO B 742 -455.79 372.07 -238.85
CA ARG B 743 -458.60 374.63 -239.03
CA GLY B 744 -460.06 373.37 -242.29
CA ASP B 745 -461.08 376.48 -244.20
CA GLN B 746 -464.19 378.52 -245.00
CA GLY B 747 -467.75 377.28 -244.67
CA PRO B 748 -471.37 378.58 -244.58
CA VAL B 749 -472.58 382.06 -245.55
CA GLY B 750 -475.98 383.68 -245.06
CA ARG B 751 -479.70 383.57 -245.86
CA THR B 752 -482.47 386.14 -246.32
CA GLY B 753 -483.57 389.10 -244.21
CA GLU B 754 -487.17 390.35 -244.40
CA ILE B 755 -489.61 392.00 -246.85
CA GLY B 756 -489.09 394.89 -249.27
CA ALA B 757 -489.43 398.52 -248.17
CA SER B 758 -492.34 399.39 -250.41
CA GLY B 759 -493.36 399.88 -254.04
CA PRO B 760 -494.06 402.53 -256.78
CA PRO B 761 -497.39 404.45 -256.77
CA GLY B 762 -498.54 405.00 -260.37
CA PHE B 763 -499.94 407.70 -262.65
CA ALA B 764 -503.11 409.08 -264.22
CA GLY B 765 -504.77 407.64 -267.31
CA GLU B 766 -506.69 410.45 -268.99
CA LYS B 767 -509.76 412.73 -268.75
CA GLY B 768 -513.36 411.52 -268.71
CA PRO B 769 -516.78 412.74 -269.99
CA SER B 770 -517.16 416.22 -271.48
CA GLY B 771 -519.55 418.91 -270.25
CA GLU B 772 -523.27 419.17 -270.92
CA HYP B 773 -525.35 420.45 -273.84
CA GLY B 774 -525.70 424.22 -273.85
CA THR B 775 -528.97 425.80 -272.72
CA THR B 776 -530.15 428.02 -275.59
CA GLY B 777 -529.04 431.57 -276.29
CA PRO B 778 -529.97 435.23 -276.91
CA HYP B 779 -533.63 435.93 -277.90
CA GLY B 780 -534.66 437.25 -281.32
CA THR B 781 -534.51 440.65 -283.04
CA ALA B 782 -536.87 443.34 -284.34
CA GLY B 783 -539.12 443.50 -287.39
CA PRO B 784 -539.68 445.93 -290.33
CA GLN B 785 -543.25 446.71 -289.19
CA GLY B 786 -545.71 447.07 -292.02
CA LEU B 787 -545.66 448.75 -295.41
CA LEU B 788 -548.22 451.51 -294.89
CA GLY B 789 -551.89 451.99 -294.05
CA ALA B 790 -555.24 453.00 -295.49
CA HYP B 791 -557.59 456.01 -295.80
CA GLY B 792 -560.38 456.82 -293.36
CA ILE B 793 -564.07 457.20 -294.15
CA LEU B 794 -564.86 458.39 -297.68
CA GLY B 795 -565.32 461.96 -298.87
CA LEU B 796 -567.36 465.05 -298.11
CA HYP B 797 -570.81 466.22 -299.27
CA GLY B 798 -571.08 468.63 -302.17
CA SER B 799 -572.40 472.18 -302.20
CA ARG B 800 -575.19 472.91 -304.69
CA GLY B 801 -574.27 473.54 -308.32
CA GLU B 802 -574.74 476.64 -310.46
CA ARG B 803 -578.29 478.00 -310.25
CA GLY B 804 -581.08 477.37 -312.78
CA GLN B 805 -582.70 479.27 -315.67
CA HYP B 806 -585.49 481.62 -316.84
CA GLY B 807 -588.99 480.42 -316.02
CA ILE B 808 -591.26 479.92 -318.98
CA ALA B 809 -593.55 482.33 -320.79
CA GLY B 810 -595.76 485.16 -319.58
CA ALA B 811 -599.55 485.30 -319.31
CA LEU B 812 -601.29 487.29 -322.03
CA GLY B 813 -602.58 490.70 -320.98
CA GLU B 814 -606.08 491.86 -320.16
CA HYP B 815 -609.05 493.19 -322.17
CA GLY B 816 -609.70 496.99 -322.30
CA PRO B 817 -612.87 499.28 -322.00
CA LEU B 818 -615.52 499.06 -324.76
CA GLY B 819 -615.54 502.22 -326.83
CA ILE B 820 -615.86 505.99 -326.73
CA ALA B 821 -619.23 507.40 -327.87
CA GLY B 822 -621.39 508.15 -330.91
CA PRO B 823 -622.53 511.34 -332.75
CA HYP B 824 -626.20 512.37 -332.79
CA GLY B 825 -627.68 511.43 -336.17
CA ALA B 826 -629.38 512.69 -339.34
CA ARG B 827 -632.81 513.95 -340.40
CA GLY B 828 -635.34 511.18 -339.89
CA PRO B 829 -638.75 510.97 -341.67
CA HYP B 830 -640.12 513.88 -343.81
CA GLY B 831 -642.78 516.23 -342.51
CA ALA B 832 -646.54 516.49 -342.85
CA VAL B 833 -648.84 518.71 -344.91
CA GLY B 834 -650.68 522.00 -344.60
CA SER B 835 -654.10 523.61 -344.12
CA HYP B 836 -656.10 526.08 -346.47
CA GLY B 837 -655.81 529.14 -344.30
CA VAL B 838 -657.51 532.48 -344.79
CA ASN B 839 -659.61 533.51 -347.79
CA GLY B 840 -660.56 537.10 -348.57
CA ALA B 841 -663.21 539.83 -348.61
CA HYP B 842 -666.69 539.87 -350.30
CA GLY B 843 -668.03 542.46 -352.69
CA GLU B 844 -671.00 544.83 -352.86
CA ALA B 845 -673.93 545.78 -355.10
CA GLY B 846 -673.29 543.22 -357.82
CA ARG B 847 -676.69 542.63 -359.39
CA ASP B 848 -678.51 545.97 -359.45
CA GLY B 849 -682.17 546.01 -358.49
CA ASN B 850 -684.78 546.91 -361.10
CA HYP B 851 -686.25 550.28 -362.28
CA GLY B 852 -689.46 551.73 -360.87
CA SER B 853 -692.86 552.05 -362.48
CA ASP B 854 -695.99 554.21 -362.79
CA GLY B 855 -696.79 557.20 -360.64
CA PRO B 856 -699.79 558.74 -358.85
CA HYP B 857 -702.36 560.18 -361.30
CA GLY B 858 -702.31 563.93 -361.87
CA ARG B 859 -703.99 567.12 -363.08
CA ASP B 860 -707.49 567.27 -364.53
CA GLY B 861 -708.76 567.98 -368.02
CA GLN B 862 -710.16 571.53 -368.40
CA HYP B 863 -713.75 572.27 -369.54
CA GLY B 864 -714.80 571.68 -373.15
CA HIS B 865 -716.90 573.48 -375.83
CA LYS B 866 -719.46 576.23 -375.35
CA GLY B 867 -723.09 575.34 -374.74
CA GLU B 868 -725.18 576.37 -377.79
CA ARG B 869 -726.41 579.76 -379.20
CA GLY B 870 -729.55 580.77 -377.36
CA TYR B 871 -732.98 580.95 -378.94
CA HYP B 872 -735.66 583.52 -380.15
CA GLY B 873 -738.34 585.26 -378.09
CA ASN B 874 -742.02 586.13 -378.24
CA ILE B 875 -744.04 588.67 -380.23
CA GLY B 876 -744.67 592.40 -379.94
CA PRO B 877 -747.74 594.53 -379.08
CA THR B 878 -750.17 595.88 -381.69
CA GLY B 879 -749.58 598.63 -384.24
CA ALA B 880 -749.30 602.40 -383.81
CA ALA B 881 -751.34 605.49 -384.69
CA GLY B 882 -752.90 606.57 -387.98
CA ALA B 883 -753.58 609.61 -390.16
CA PRO B 884 -756.83 611.41 -391.19
CA GLY B 885 -758.16 611.32 -394.74
CA PRO B 886 -760.32 613.20 -397.31
CA HIS B 887 -764.13 613.27 -397.31
CA GLY B 888 -766.85 611.75 -399.47
CA SER B 889 -770.58 612.32 -399.43
CA VAL B 890 -770.76 616.04 -398.86
CA GLY B 891 -774.31 617.36 -399.23
CA PRO B 892 -777.21 618.33 -401.61
CA ALA B 893 -778.53 621.80 -402.42
CA GLY B 894 -780.39 624.20 -400.13
CA LYS B 895 -783.89 625.56 -399.67
CA HIS B 896 -784.00 626.14 -403.43
CA GLY B 897 -784.97 629.74 -403.11
CA ASN B 898 -787.96 631.68 -401.81
CA ARG B 899 -791.46 632.66 -402.82
CA GLY B 900 -791.98 635.79 -404.89
CA GLU B 901 -794.32 638.77 -404.48
CA PRO B 902 -797.50 639.90 -406.33
CA GLY B 903 -797.70 642.83 -408.74
CA PRO B 904 -799.79 645.77 -410.14
CA ALA B 905 -803.48 644.85 -410.23
CA GLY B 906 -804.46 644.38 -413.84
CA SER B 907 -805.55 646.51 -416.76
CA VAL B 908 -808.24 649.12 -416.24
CA GLY B 909 -811.47 647.20 -416.83
CA PRO B 910 -814.46 648.60 -418.82
CA VAL B 911 -816.28 651.83 -418.05
CA GLY B 912 -818.97 652.36 -415.45
CA ALA B 913 -822.56 653.36 -416.15
CA VAL B 914 -823.93 656.58 -417.54
CA GLY B 915 -827.12 658.54 -416.85
CA PRO B 916 -830.51 659.91 -418.00
CA ARG B 917 -830.46 662.52 -420.73
CA GLY B 918 -831.54 666.13 -420.50
CA PRO B 919 -834.62 668.34 -419.82
CA SER B 920 -835.52 670.00 -423.09
CA GLY B 921 -835.23 673.22 -425.09
CA PRO B 922 -837.19 676.55 -424.76
CA GLN B 923 -840.68 676.81 -426.34
CA GLY B 924 -841.56 677.98 -429.85
CA ILE B 925 -842.21 681.23 -431.75
CA ARG B 926 -846.00 681.25 -431.90
CA GLY B 927 -848.88 679.60 -433.69
CA ASP B 928 -851.05 680.16 -436.74
CA LYS B 929 -854.51 679.47 -435.29
CA GLY B 930 -857.10 676.73 -434.87
CA GLU B 931 -858.78 675.84 -438.17
CA PRO B 932 -862.05 677.70 -438.92
CA GLY B 933 -863.83 681.06 -438.92
CA ASP B 934 -867.56 681.75 -439.05
CA LYZ B 935 -870.43 683.12 -441.12
CA GLY B 936 -871.96 686.58 -441.20
CA ALA B 937 -875.38 688.00 -440.36
CA ARG B 938 -878.54 689.17 -442.10
CA GLY B 939 -880.13 692.42 -443.20
CA LEU B 940 -882.69 694.94 -441.99
CA PRO B 941 -885.61 697.02 -443.30
CA GLY B 942 -885.87 700.67 -444.35
CA LEU B 943 -888.94 702.49 -442.95
CA LYS B 944 -891.97 703.44 -445.06
CA GLY B 945 -892.27 705.90 -447.96
CA HIS B 946 -894.32 709.01 -448.64
CA ASN B 947 -897.62 710.16 -450.13
CA GLY B 948 -898.98 712.38 -452.90
CA LEU B 949 -901.46 715.27 -453.21
CA GLN B 950 -904.36 716.49 -455.34
CA GLY B 951 -904.40 716.60 -459.10
CA LEU B 952 -906.13 717.74 -462.26
CA PRO B 953 -909.65 719.25 -462.19
CA GLY B 954 -912.57 718.45 -464.51
CA LEU B 955 -913.26 719.32 -468.14
CA ALA B 956 -913.85 722.74 -469.66
CA GLY B 957 -917.14 724.56 -469.87
CA LEU B 958 -920.31 722.73 -469.00
CA HIS B 959 -922.12 723.95 -472.12
CA GLY B 960 -923.76 727.23 -473.09
CA ASP B 961 -926.62 729.64 -472.46
CA GLN B 962 -929.08 731.56 -474.65
CA GLY B 963 -929.65 735.30 -474.50
CA ALA B 964 -929.82 738.53 -476.51
CA PRO B 965 -932.79 739.85 -478.53
CA GLY B 966 -932.32 741.95 -481.65
CA PRO B 967 -931.87 745.73 -482.29
CA VAL B 968 -935.21 747.07 -483.60
CA GLY B 969 -934.51 749.24 -486.63
CA PRO B 970 -937.16 751.10 -488.70
CA ALA B 971 -940.71 751.48 -487.41
CA GLY B 972 -942.35 750.98 -490.79
CA PRO B 973 -944.01 753.39 -493.28
CA ARG B 974 -946.60 756.07 -492.51
CA GLY B 975 -950.36 755.53 -492.23
CA PRO B 976 -953.51 755.59 -494.44
CA ALA B 977 -955.09 758.58 -496.21
CA GLY B 978 -957.49 760.81 -494.31
CA PRO B 979 -961.26 760.18 -494.66
CA SER B 980 -963.03 762.84 -496.71
CA GLY B 981 -966.01 764.93 -495.63
CA PRO B 982 -969.18 765.73 -497.66
CA ILE B 983 -969.67 767.65 -500.93
CA GLY B 984 -970.70 771.15 -502.01
CA LYS B 985 -974.30 772.10 -501.31
CA ASP B 986 -975.71 773.49 -504.55
CA GLY B 987 -975.18 776.50 -506.81
CA ARG B 988 -977.15 779.54 -505.62
CA SER B 989 -979.96 780.95 -507.77
CA GLY B 990 -978.84 781.91 -511.26
CA HIS B 991 -979.69 784.57 -513.84
CA PRO B 992 -983.26 785.92 -514.15
CA GLY B 993 -985.66 785.59 -517.05
CA PRO B 994 -986.82 787.91 -519.87
CA VAL B 995 -989.75 790.32 -519.55
CA GLY B 996 -992.71 788.63 -521.19
CA PRO B 997 -995.25 789.40 -523.98
CA ALA B 998 -997.55 792.35 -524.67
CA GLY B 999 -1000.47 792.80 -522.31
CA VAL B 1000 -1003.93 794.31 -522.79
CA ARG B 1001 -1005.62 797.25 -524.49
CA GLY B 1002 -1008.08 799.97 -523.53
CA SER B 1003 -1011.70 800.19 -524.63
CA GLN B 1004 -1013.26 803.14 -526.45
CA GLY B 1005 -1012.25 806.77 -526.88
CA SER B 1006 -1015.04 809.31 -526.58
CA GLN B 1007 -1017.91 810.84 -528.44
CA GLY B 1008 -1018.01 813.25 -531.33
CA PRO B 1009 -1019.63 816.43 -532.71
CA ALA B 1010 -1023.41 816.86 -533.02
CA GLY B 1011 -1024.09 817.98 -536.61
CA PRO B 1012 -1023.27 820.95 -538.92
CA HYP B 1013 -1025.95 823.43 -540.12
CA GLY B 1014 -1028.66 822.42 -542.58
CA PRO B 1015 -1027.91 822.45 -546.36
CA HYP B 1016 -1029.95 824.44 -548.94
CA GLY B 1017 -1032.90 822.89 -550.80
CA PRO B 1018 -1035.19 823.60 -553.85
CA HYP B 1019 -1036.43 826.90 -555.48
CA GLY B 1020 -1039.61 828.86 -554.83
CA PRO B 1021 -1043.29 828.44 -555.83
CA PRO B 1022 -1044.39 830.43 -558.93
CA GLY B 1023 -1047.71 831.92 -560.03
CA VAL B 1024 -1049.26 834.29 -557.50
CA SER B 1025 -1050.85 837.54 -558.72
CA GLY B 1026 -1051.92 837.78 -562.36
CA GLY B 1027 -1055.68 838.06 -562.52
CA GLY B 1028 -1057.60 839.15 -565.58
CA GLN C 1 1102.79 -859.97 575.68
CA MET C 2 1101.06 -859.91 572.31
CA SER C 3 1099.08 -856.96 573.70
CA TYR C 4 1096.65 -855.32 571.30
CA GLY C 5 1096.24 -852.06 569.45
CA TYR C 6 1093.62 -849.38 569.91
CA ASP C 7 1090.03 -849.29 568.69
CA GLU C 8 1086.74 -847.56 569.38
CA LYS C 9 1085.57 -844.42 567.55
CA SER C 10 1081.83 -843.67 567.42
CA ALA C 11 1080.73 -840.03 567.22
CA GLY C 12 1077.73 -839.53 564.96
CA VAL C 13 1076.86 -836.68 562.65
CA SER C 14 1073.86 -835.12 560.91
CA VAL C 15 1072.36 -833.95 557.63
CA PRO C 16 1069.52 -831.47 558.37
CA GLY C 17 1066.64 -830.67 556.07
CA PRO C 18 1066.61 -827.24 554.33
CA MET C 19 1062.95 -826.33 553.90
CA GLY C 20 1061.68 -827.74 550.62
CA PRO C 21 1059.81 -826.17 547.67
CA SER C 22 1057.84 -823.02 548.46
CA GLY C 23 1054.09 -823.14 548.95
CA PRO C 24 1051.33 -823.09 546.27
CA ARG C 25 1051.29 -820.40 543.59
CA GLY C 26 1049.09 -817.31 543.56
CA LEU C 27 1045.32 -817.73 543.48
CA HYP C 28 1042.83 -816.47 540.85
CA GLY C 29 1042.33 -812.71 540.67
CA PRO C 30 1038.93 -811.32 541.80
CA HYP C 31 1036.43 -809.84 539.29
CA GLY C 32 1037.70 -807.14 536.95
CA ALA C 33 1036.67 -803.49 537.13
CA HYP C 34 1033.55 -802.52 535.09
CA GLY C 35 1033.50 -801.16 531.57
CA PRO C 36 1034.02 -797.55 530.43
CA GLN C 37 1031.03 -796.10 528.55
CA GLY C 38 1029.40 -796.70 525.17
CA PHE C 39 1028.86 -793.70 522.91
CA GLN C 40 1026.23 -791.78 520.98
CA GLY C 41 1022.91 -793.25 519.89
CA PRO C 42 1020.79 -793.50 516.70
CA HYP C 43 1019.06 -790.32 515.38
CA GLY C 44 1015.29 -790.51 515.28
CA GLU C 45 1012.07 -790.22 513.30
CA HYP C 46 1010.60 -786.70 512.91
CA GLY C 47 1008.26 -785.88 515.79
CA GLU C 48 1004.81 -784.31 515.51
CA HYP C 49 1004.44 -781.92 512.53
CA GLY C 50 1002.34 -778.76 512.57
CA GLY C 51 1000.15 -776.88 510.11
CA SER C 52 997.40 -774.28 510.18
CA GLY C 53 997.73 -771.69 507.44
CA PRO C 54 996.52 -768.06 507.65
CA MET C 55 993.27 -766.66 506.31
CA GLY C 56 992.90 -765.01 502.90
CA PRO C 57 991.84 -761.50 501.84
CA PRO C 58 988.15 -760.58 501.33
CA GLY C 59 986.29 -760.97 498.05
CA PRO C 60 984.71 -758.73 495.37
CA HYP C 61 982.92 -755.52 496.48
CA GLY C 62 979.27 -756.01 495.62
CA PRO C 63 977.06 -755.52 492.56
CA HYP C 64 974.17 -753.02 492.53
CA GLY C 65 971.11 -753.60 494.69
CA LYS C 66 968.04 -752.19 492.93
CA ASN C 67 966.56 -749.24 490.98
CA GLY C 68 963.41 -748.11 492.76
CA ASP C 69 960.35 -747.28 490.65
CA ASP C 70 958.65 -744.28 489.02
CA GLY C 71 956.91 -741.15 490.36
CA GLU C 72 956.46 -737.36 490.53
CA ALA C 73 953.52 -735.82 488.71
CA GLY C 74 954.18 -733.67 485.68
CA LYS C 75 954.37 -729.96 484.97
CA PRO C 76 951.29 -727.80 484.28
CA GLY C 77 950.45 -728.07 480.59
CA ARG C 78 949.23 -725.29 478.24
CA HYP C 79 945.70 -724.37 477.06
CA GLY C 80 945.59 -725.23 473.36
CA GLU C 81 945.23 -723.46 470.01
CA ARG C 82 942.63 -721.28 468.33
CA GLY C 83 938.85 -721.67 468.10
CA PRO C 84 935.87 -721.40 465.63
CA HYP C 85 933.60 -718.35 464.82
CA GLY C 86 930.50 -717.12 466.67
CA PRO C 87 926.69 -717.48 466.67
CA GLN C 88 924.40 -715.79 464.18
CA GLY C 89 922.98 -712.26 464.03
CA ALA C 90 919.46 -710.82 464.22
CA ARG C 91 917.61 -709.38 461.21
CA GLY C 92 918.63 -706.45 458.99
CA LEU C 93 918.41 -702.75 458.09
CA HYP C 94 915.18 -701.46 456.54
CA GLY C 95 917.25 -699.77 453.84
CA THR C 96 915.58 -696.93 452.00
CA ALA C 97 911.92 -696.15 451.49
CA GLY C 98 909.88 -694.81 448.64
CA LEU C 99 909.28 -691.40 447.22
CA HYP C 100 906.17 -689.24 447.53
CA GLY C 101 903.43 -689.37 444.92
CA MET C 102 902.43 -687.07 442.09
CA LYZ C 103 899.79 -684.38 441.85
CA GLY C 104 896.17 -685.07 440.89
CA HIS C 105 893.60 -683.79 438.45
CA ARG C 106 892.64 -680.17 437.91
CA GLY C 107 889.29 -680.07 439.65
CA PHE C 108 885.75 -680.83 438.59
CA SER C 109 883.00 -678.83 436.90
CA GLY C 110 880.38 -676.20 437.71
CA LEU C 111 876.58 -676.37 437.79
CA ASP C 112 873.70 -674.69 436.04
CA GLY C 113 872.55 -671.28 437.25
CA ALA C 114 868.85 -670.56 436.61
CA LYS C 115 866.64 -668.17 434.59
CA GLY C 116 865.08 -664.71 434.82
CA ASP C 117 861.88 -662.69 434.64
CA THR C 118 860.47 -662.16 431.15
CA GLY C 119 860.97 -658.81 429.42
CA PRO C 120 858.99 -655.72 430.60
CA ALA C 121 855.39 -654.86 429.68
CA GLY C 122 856.39 -653.20 426.41
CA PRO C 123 854.63 -650.37 424.52
CA LYS C 124 851.87 -648.59 426.42
CA GLY C 125 849.40 -650.16 423.99
CA GLU C 126 847.55 -649.55 420.69
CA HYP C 127 844.75 -646.99 420.10
CA GLY C 128 841.34 -648.55 419.60
CA SER C 129 839.28 -648.75 416.43
CA HYP C 130 837.58 -645.61 414.99
CA GLY C 131 834.38 -644.16 416.46
CA GLU C 132 830.97 -643.67 414.81
CA ASN C 133 829.78 -641.28 412.09
CA GLY C 134 827.42 -638.40 412.91
CA THR C 135 823.70 -637.41 412.84
CA HYP C 136 820.97 -635.11 411.39
CA GLY C 137 821.03 -631.45 412.45
CA GLN C 138 817.99 -629.49 413.67
CA MET C 139 815.40 -628.15 411.24
CA GLY C 140 816.10 -625.04 409.19
CA PRO C 141 814.77 -621.60 408.06
CA ARG C 142 811.08 -620.70 407.66
CA GLY C 143 809.59 -618.92 404.66
CA LEU C 144 807.85 -615.68 403.69
CA HYP C 145 804.73 -614.26 401.92
CA GLY C 146 804.21 -615.50 398.37
CA GLU C 147 802.59 -613.78 395.40
CA ARG C 148 799.77 -611.26 395.69
CA GLY C 149 796.15 -612.06 396.44
CA ARG C 150 793.68 -611.56 393.59
CA HYP C 151 792.12 -608.72 391.50
CA GLY C 152 789.86 -606.23 393.27
CA PRO C 153 786.10 -605.51 392.80
CA HYP C 154 784.64 -602.19 391.45
CA GLY C 155 781.68 -600.39 393.02
CA THR C 156 778.03 -601.36 393.40
CA ALA C 157 776.44 -598.44 391.53
CA GLY C 158 775.62 -595.49 393.76
CA ALA C 159 772.10 -596.10 395.02
CA ARG C 160 770.49 -594.09 392.27
CA GLY C 161 771.14 -590.53 391.16
CA ASN C 162 768.37 -587.96 390.65
CA ASP C 163 765.15 -588.61 388.84
CA GLY C 164 763.75 -586.88 385.76
CA ALA C 165 762.82 -583.40 384.47
CA VAL C 166 759.08 -583.63 385.15
CA GLY C 167 757.09 -582.57 382.08
CA ALA C 168 755.66 -579.47 380.38
CA ALA C 169 752.51 -577.60 379.29
CA GLY C 170 749.96 -580.40 379.10
CA PRO C 171 747.83 -581.19 376.00
CA HYP C 172 745.20 -578.56 374.97
CA GLY C 173 741.42 -579.00 374.90
CA PRO C 174 738.58 -578.86 372.32
CA THR C 175 736.23 -575.88 371.84
CA GLY C 176 733.97 -574.83 374.69
CA PRO C 177 730.40 -576.13 374.41
CA THR C 178 729.56 -578.86 371.89
CA GLY C 179 727.06 -576.99 369.74
CA PRO C 180 724.75 -574.24 371.12
CA HYP C 181 721.78 -573.58 368.83
CA GLY C 182 720.71 -570.08 367.99
CA PHE C 183 717.50 -568.29 368.79
CA HYP C 184 714.36 -566.80 367.20
CA GLY C 185 714.65 -564.46 364.23
CA ALA C 186 713.24 -560.97 363.61
CA ALA C 187 709.79 -559.64 362.70
CA GLY C 188 707.52 -560.02 359.66
CA ALA C 189 705.91 -557.41 357.38
CA LYS C 190 702.78 -555.36 358.04
CA GLY C 191 700.16 -555.68 355.33
CA GLU C 192 698.58 -553.54 352.64
CA ALA C 193 696.27 -551.06 354.44
CA GLY C 194 692.50 -551.06 353.93
CA PRO C 195 689.98 -550.03 351.18
CA GLN C 196 688.07 -546.73 351.24
CA GLY C 197 684.79 -547.80 352.80
CA ALA C 198 681.69 -545.66 353.13
CA ARG C 199 680.10 -543.87 350.15
CA GLY C 200 679.18 -540.19 350.01
CA SER C 201 676.50 -537.55 350.53
CA GLU C 202 674.58 -534.81 348.69
CA GLY C 203 674.48 -531.04 348.42
CA PRO C 204 672.48 -528.40 350.43
CA GLN C 205 670.10 -525.99 348.65
CA GLY C 206 669.38 -525.78 344.92
CA VAL C 207 668.09 -522.42 343.65
CA ARG C 208 664.68 -522.15 341.97
CA GLY C 209 663.04 -521.53 338.61
CA GLU C 210 661.70 -518.58 336.59
CA HYP C 211 658.30 -516.81 336.26
CA GLY C 212 655.47 -518.40 334.32
CA PRO C 213 652.93 -517.43 331.62
CA HYP C 214 650.68 -514.32 331.88
CA GLY C 215 647.17 -514.33 333.32
CA PRO C 216 643.63 -512.76 333.18
CA ALA C 217 643.80 -509.70 330.99
CA GLY C 218 640.75 -507.54 331.59
CA ALA C 219 636.98 -508.07 331.98
CA ALA C 220 635.23 -506.14 329.22
CA GLY C 221 632.88 -503.20 329.74
CA PRO C 222 629.25 -503.11 330.98
CA ALA C 223 626.77 -502.40 328.17
CA GLY C 224 625.28 -499.50 326.27
CA ASN C 225 624.07 -496.41 328.06
CA HYP C 226 620.43 -495.63 327.16
CA GLY C 227 619.65 -492.12 325.97
CA ALA C 228 619.58 -490.12 322.75
CA ASP C 229 616.03 -489.69 321.49
CA GLY C 230 614.13 -489.75 318.20
CA GLN C 231 612.79 -487.48 315.44
CA HYP C 232 609.09 -486.62 315.89
CA GLY C 233 606.38 -488.72 314.25
CA ALA C 234 603.42 -488.33 311.93
CA LYS C 235 600.86 -485.57 312.49
CA GLY C 236 597.14 -485.26 311.80
CA ALA C 237 595.39 -483.90 308.75
CA ASN C 238 593.45 -481.06 307.20
CA GLY C 239 591.15 -478.65 308.95
CA ALA C 240 587.55 -479.29 307.99
CA HYP C 241 587.91 -477.72 305.59
CA GLY C 242 585.26 -475.26 304.35
CA ILE C 243 581.71 -474.18 305.20
CA ALA C 244 579.03 -472.50 303.09
CA GLY C 245 578.82 -468.71 302.94
CA ALA C 246 576.81 -465.70 304.00
CA HYP C 247 573.53 -464.86 302.24
CA GLY C 248 573.38 -462.03 299.75
CA PHE C 249 571.61 -458.74 300.27
CA HYP C 250 568.72 -456.52 299.11
CA GLY C 251 568.53 -456.30 295.36
CA ALA C 252 566.94 -453.80 293.03
CA ARG C 253 563.74 -452.81 291.26
CA GLY C 254 562.53 -453.12 287.68
CA PRO C 255 560.50 -451.08 285.11
CA SER C 256 557.41 -448.99 285.84
CA GLY C 257 553.76 -448.83 284.81
CA PRO C 258 552.70 -449.75 281.24
CA GLN C 259 552.38 -446.53 279.24
CA GLY C 260 549.22 -444.83 280.48
CA PRO C 261 545.54 -445.64 279.67
CA SER C 262 543.49 -443.31 277.45
CA GLY C 263 542.82 -439.57 277.50
CA ALA C 264 540.35 -437.02 278.89
CA HYP C 265 537.09 -436.02 277.11
CA GLY C 266 536.79 -433.03 274.80
CA PRO C 267 535.02 -429.65 275.14
CA LYS C 268 532.26 -429.13 272.54
CA GLY C 269 532.77 -426.68 269.68
CA THR C 270 532.29 -423.11 268.57
CA SER C 271 529.52 -421.89 266.26
CA GLY C 272 529.33 -422.12 262.49
CA GLU C 273 527.95 -420.23 259.50
CA HYP C 274 524.26 -419.14 259.49
CA GLY C 275 522.01 -419.40 256.45
CA ALA C 276 520.30 -417.13 253.92
CA HYP C 277 516.75 -415.78 254.47
CA GLY C 278 514.12 -415.68 251.75
CA ASN C 279 513.66 -413.21 248.92
CA LYS C 280 511.38 -410.18 248.55
CA GLY C 281 508.88 -410.18 251.40
CA ASP C 282 505.43 -408.67 250.77
CA THR C 283 504.35 -405.77 248.55
CA GLY C 284 501.42 -403.42 249.16
CA ALA C 285 497.72 -402.64 248.76
CA LYS C 286 495.86 -400.21 246.49
CA GLY C 287 495.40 -396.84 248.22
CA GLU C 288 492.54 -394.33 248.50
CA HYP C 289 489.74 -394.66 245.84
CA GLY C 290 489.04 -392.21 243.02
CA PRO C 291 487.48 -388.72 243.59
CA ALA C 292 485.03 -387.48 240.95
CA GLY C 293 484.90 -386.97 237.20
CA VAL C 294 483.98 -384.69 234.31
CA GLN C 295 480.53 -383.22 233.66
CA GLY C 296 477.84 -383.33 231.00
CA PRO C 297 477.85 -380.85 228.07
CA HYP C 298 475.54 -377.77 228.03
CA GLY C 299 471.96 -378.44 227.02
CA PRO C 300 470.32 -377.42 223.70
CA ALA C 301 467.73 -374.64 223.70
CA GLY C 302 464.38 -374.03 225.39
CA GLU C 303 461.04 -373.21 223.78
CA GLU C 304 460.07 -370.32 221.53
CA GLY C 305 458.16 -367.07 221.90
CA LYS C 306 454.69 -366.69 223.36
CA ARG C 307 452.33 -366.45 220.40
CA GLY C 308 451.67 -362.84 219.53
CA ALA C 309 450.40 -359.47 220.69
CA ARG C 310 447.41 -358.16 218.72
CA GLY C 311 447.94 -356.24 215.52
CA GLU C 312 446.38 -353.30 213.74
CA HYP C 313 443.15 -352.38 211.88
CA GLY C 314 444.33 -350.75 208.67
CA PRO C 315 444.24 -347.49 206.64
CA SER C 316 441.11 -345.39 206.22
CA GLY C 317 438.51 -346.44 203.70
CA LEU C 318 437.49 -344.26 200.78
CA HYP C 319 434.81 -341.77 199.63
CA GLY C 320 431.38 -343.34 199.87
CA PRO C 321 428.19 -342.89 197.80
CA HYP C 322 427.30 -339.36 196.56
CA GLY C 323 423.83 -337.94 197.07
CA GLU C 324 420.41 -337.90 195.44
CA ARG C 325 418.42 -334.97 193.98
CA GLY C 326 416.96 -332.08 195.98
CA GLY C 327 413.21 -332.16 196.23
CA HYP C 328 410.38 -329.72 195.35
CA GLY C 329 411.17 -326.12 194.45
CA SER C 330 408.21 -323.96 195.45
CA ARG C 331 405.75 -322.86 192.76
CA GLY C 332 406.35 -321.66 189.20
CA PHE C 333 404.85 -318.72 187.32
CA HYP C 334 401.28 -317.69 186.35
CA GLY C 335 400.16 -317.13 182.78
CA ALA C 336 400.17 -313.56 181.54
CA ASP C 337 397.38 -311.03 180.96
CA GLY C 338 394.66 -310.55 178.37
CA VAL C 339 394.25 -309.41 174.80
CA ALA C 340 391.50 -306.85 174.88
CA GLY C 341 388.01 -307.67 173.71
CA PRO C 342 385.44 -306.71 171.00
CA LYS C 343 383.21 -303.62 171.12
CA GLY C 344 379.55 -303.70 172.12
CA PRO C 345 375.99 -303.19 170.80
CA SER C 346 374.79 -299.79 169.64
CA GLY C 347 371.80 -297.49 169.87
CA GLU C 348 368.24 -297.59 168.47
CA ARG C 349 365.90 -294.99 166.92
CA GLY C 350 365.32 -291.61 168.53
CA SER C 351 362.68 -288.96 169.07
CA HYP C 352 359.94 -288.82 166.41
CA GLY C 353 359.33 -285.06 166.03
CA PRO C 354 357.39 -282.08 167.53
CA ALA C 355 354.70 -280.80 165.15
CA GLY C 356 356.28 -277.90 163.31
CA PRO C 357 354.38 -274.99 161.73
CA LYS C 358 350.73 -275.37 160.65
CA GLY C 359 349.94 -277.71 157.79
CA SER C 360 347.82 -276.85 154.74
CA HYP C 361 345.90 -273.61 155.31
CA GLY C 362 342.18 -273.47 156.02
CA GLU C 363 339.38 -272.64 153.60
CA ALA C 364 336.48 -270.27 153.03
CA GLY C 365 332.78 -270.82 153.61
CA ARG C 366 329.24 -270.56 152.30
CA HYP C 367 328.91 -266.91 151.18
CA GLY C 368 325.42 -265.43 151.53
CA GLU C 369 323.06 -263.20 149.43
CA ALA C 370 319.29 -262.82 148.82
CA GLY C 371 317.56 -259.46 148.46
CA LEU C 372 314.00 -258.23 148.86
CA HYP C 373 311.31 -256.24 146.96
CA GLY C 374 311.36 -252.47 147.09
CA ALA C 375 309.62 -249.15 146.48
CA LYS C 376 305.89 -248.75 145.96
CA GLY C 377 304.92 -246.94 142.78
CA LEU C 378 302.71 -244.04 141.77
CA THR C 379 299.12 -243.51 140.69
CA GLY C 380 297.74 -244.55 137.32
CA SER C 381 294.65 -242.37 137.05
CA HYP C 382 291.86 -242.50 139.70
CA GLY C 383 288.87 -243.26 137.46
CA SER C 384 287.21 -241.65 134.39
CA HYP C 385 284.35 -239.53 132.98
CA GLY C 386 281.12 -240.73 134.53
CA PRO C 387 277.61 -240.77 132.98
CA ASP C 388 275.34 -237.69 132.62
CA GLY C 389 273.80 -235.73 135.49
CA LYS C 390 270.48 -234.00 136.17
CA THR C 391 268.29 -231.18 134.78
CA GLY C 392 266.79 -227.98 136.10
CA PRO C 393 263.26 -226.84 137.02
CA HYP C 394 260.67 -225.85 134.32
CA GLY C 395 259.82 -222.17 134.50
CA PRO C 396 257.64 -219.53 136.21
CA ALA C 397 255.21 -218.75 133.36
CA GLY C 398 255.29 -218.37 129.57
CA GLN C 399 254.49 -215.28 127.52
CA ASP C 400 251.29 -213.48 126.55
CA GLY C 401 250.29 -213.58 122.89
CA ARG C 402 247.77 -211.48 121.01
CA HYP C 403 245.31 -209.51 123.16
CA GLY C 404 242.69 -211.14 120.97
CA PRO C 405 240.36 -209.84 118.14
CA ALA C 406 237.64 -207.16 118.59
CA GLY C 407 234.04 -207.32 119.84
CA PRO C 408 230.60 -208.30 118.37
CA HYP C 409 228.92 -206.54 115.38
CA GLY C 410 225.99 -204.38 116.41
CA ALA C 411 222.21 -203.91 116.34
CA ARG C 412 219.68 -201.51 114.84
CA GLY C 413 218.46 -198.05 115.75
CA GLN C 414 215.34 -197.50 117.85
CA ALA C 415 213.06 -194.61 116.79
CA GLY C 416 212.94 -191.65 114.40
CA VAL C 417 211.03 -188.37 114.81
CA MET C 418 207.61 -186.80 114.32
CA GLY C 419 205.66 -185.99 111.16
CA PHE C 420 204.21 -182.44 110.97
CA HYP C 421 200.47 -181.55 110.91
CA GLY C 422 198.99 -181.20 107.42
CA PRO C 423 199.26 -177.73 105.79
CA LYS C 424 196.36 -175.57 104.48
CA GLY C 425 192.89 -175.02 105.90
CA THR C 426 189.79 -172.99 105.04
CA ALA C 427 188.54 -169.41 104.65
CA GLY C 428 185.66 -167.75 106.47
CA GLU C 429 181.92 -168.39 106.56
CA HYP C 430 179.20 -165.83 105.61
CA GLY C 431 177.73 -163.35 108.08
CA LYS C 432 174.39 -161.62 108.67
CA ALA C 433 172.22 -159.40 106.45
CA GLY C 434 170.53 -156.21 107.61
CA GLU C 435 167.82 -154.78 109.85
CA ARG C 436 165.89 -151.61 109.00
CA GLY C 437 166.67 -148.83 106.54
CA VAL C 438 164.85 -145.77 107.92
CA HYP C 439 161.32 -144.60 106.92
CA GLY C 440 161.63 -141.35 104.96
CA PRO C 441 162.12 -137.57 105.28
CA HYP C 442 159.19 -135.14 105.39
CA GLY C 443 157.58 -135.59 101.99
CA ALA C 444 157.01 -132.51 99.84
CA VAL C 445 153.52 -132.05 101.21
CA GLY C 446 150.86 -134.60 100.28
CA PRO C 447 147.49 -134.80 98.40
CA ALA C 448 145.51 -131.58 98.87
CA GLY C 449 142.25 -131.97 100.79
CA LYS C 450 139.05 -131.12 98.89
CA ASP C 451 136.68 -128.43 97.69
CA GLY C 452 133.53 -126.59 98.71
CA GLU C 453 129.94 -126.52 97.56
CA ALA C 454 128.49 -123.43 95.97
CA GLY C 455 127.95 -119.68 96.26
CA ALA C 456 124.79 -117.51 96.31
CA GLN C 457 121.48 -118.72 94.94
CA GLY C 458 119.95 -117.41 91.74
CA ALA C 459 119.51 -113.77 90.81
CA HYP C 460 116.36 -112.19 89.33
CA GLY C 461 115.95 -110.98 85.75
CA PRO C 462 115.17 -107.23 86.11
CA ALA C 463 112.44 -106.58 83.58
CA GLY C 464 112.09 -107.69 79.97
CA PRO C 465 109.71 -107.53 76.95
CA ALA C 466 106.67 -105.42 77.90
CA GLY C 467 103.70 -107.71 78.44
CA GLU C 468 100.99 -105.95 76.41
CA ARG C 469 98.55 -103.02 76.59
CA GLY C 470 94.93 -102.13 77.28
CA GLU C 471 92.09 -101.52 74.82
CA GLN C 472 90.02 -98.50 73.76
CA GLY C 473 88.41 -96.03 76.09
CA PRO C 474 85.39 -93.78 76.66
CA ALA C 475 83.28 -92.21 73.92
CA GLY C 476 82.21 -88.63 73.29
CA SER C 477 79.40 -86.06 72.81
CA HYP C 478 77.67 -85.00 69.55
CA GLY C 479 78.10 -81.24 69.58
CA PHE C 480 76.37 -78.34 67.92
CA GLN C 481 72.78 -78.46 66.74
CA GLY C 482 71.90 -77.34 63.22
CA LEU C 483 70.72 -74.39 61.11
CA HYP C 484 67.08 -73.90 59.96
CA GLY C 485 65.74 -75.05 56.60
CA PRO C 486 63.71 -73.83 53.57
CA ALA C 487 60.17 -72.47 53.77
CA GLY C 488 57.24 -72.40 51.38
CA PRO C 489 55.20 -70.30 48.87
CA HYP C 490 53.22 -67.08 49.54
CA GLY C 491 50.15 -67.48 51.73
CA GLU C 492 46.98 -65.72 50.61
CA ALA C 493 46.80 -63.45 47.57
CA GLY C 494 44.94 -60.20 48.13
CA LYS C 495 41.44 -58.78 48.67
CA HYP C 496 38.83 -56.71 46.72
CA GLY C 497 39.58 -53.07 45.90
CA GLU C 498 37.56 -49.87 45.47
CA GLN C 499 35.30 -48.36 42.82
CA GLY C 500 37.17 -45.71 40.87
CA VAL C 501 36.60 -42.93 38.35
CA HYP C 502 33.65 -43.03 35.88
CA GLY C 503 33.93 -41.59 32.37
CA ASP C 504 32.28 -38.64 30.60
CA LEU C 505 28.93 -37.04 29.79
CA GLY C 506 26.24 -38.37 27.49
CA ALA C 507 25.99 -37.81 23.75
CA HYP C 508 24.08 -35.22 21.70
CA GLY C 509 20.40 -35.77 20.98
CA PRO C 510 17.56 -34.77 18.59
CA SER C 511 16.19 -31.24 18.33
CA GLY C 512 12.69 -30.19 19.37
CA ALA C 513 9.15 -30.58 18.02
CA ARG C 514 7.60 -27.38 16.67
CA GLY C 515 4.56 -25.69 18.21
CA GLU C 516 0.75 -25.66 18.40
CA ARG C 517 -1.56 -22.74 17.59
CA GLY C 518 0.62 -19.70 17.03
CA PHE C 519 -1.17 -16.58 15.76
CA HYP C 520 -3.86 -16.01 13.07
CA GLY C 521 -3.28 -14.12 9.82
CA GLU C 522 -4.12 -10.59 8.63
CA ARG C 523 -7.64 -9.15 8.63
CA GLY C 524 -10.28 -9.44 5.92
CA VAL C 525 -10.37 -7.36 2.75
CA GLN C 526 -13.34 -5.10 2.07
CA GLY C 527 -16.89 -5.29 0.80
CA PRO C 528 -18.83 -5.02 -2.52
CA HYP C 529 -20.89 -1.90 -3.40
CA GLY C 530 -24.49 -1.36 -2.30
CA PRO C 531 -28.03 -1.12 -3.77
CA ALA C 532 -29.12 1.87 -5.85
CA GLY C 533 -32.40 3.21 -4.53
CA PRO C 534 -36.04 4.06 -5.39
CA ARG C 535 -37.00 6.44 -8.18
CA GLY C 536 -38.57 9.83 -7.51
CA ASN C 537 -42.35 9.60 -7.76
CA ASN C 538 -44.09 12.20 -9.89
CA GLY C 539 -44.65 15.63 -8.34
CA ALA C 540 -47.61 18.00 -8.74
CA HYP C 541 -49.87 19.26 -11.57
CA GLY C 542 -48.48 21.80 -14.00
CA ASN C 543 -49.64 23.26 -17.32
CA ASP C 544 -53.43 23.82 -17.46
CA GLY C 545 -53.88 25.01 -21.05
CA ALA C 546 -53.13 28.25 -22.89
CA LYS C 547 -55.57 31.12 -23.38
CA GLY C 548 -59.09 31.04 -24.75
CA ASP C 549 -59.98 33.28 -27.65
CA THR C 550 -63.24 35.02 -28.56
CA GLY C 551 -66.49 33.52 -29.76
CA ALA C 552 -69.68 34.39 -31.62
CA HYP C 553 -70.92 37.83 -32.81
CA GLY C 554 -73.23 38.41 -29.85
CA ALA C 555 -76.95 38.93 -30.26
CA HYP C 556 -78.50 41.16 -32.93
CA GLY C 557 -80.70 44.18 -32.22
CA SER C 558 -84.45 44.82 -32.15
CA GLN C 559 -86.79 46.58 -34.61
CA GLY C 560 -86.91 50.34 -34.98
CA ALA C 561 -89.56 52.94 -34.25
CA HYP C 562 -91.86 53.74 -37.21
CA GLY C 563 -90.49 55.78 -40.12
CA LEU C 564 -91.28 59.43 -40.81
CA GLN C 565 -94.46 61.08 -42.06
CA GLY C 566 -94.60 63.07 -45.30
CA MET C 567 -96.48 65.77 -47.20
CA HYP C 568 -100.05 66.67 -46.10
CA GLY C 569 -100.82 66.18 -49.77
CA GLU C 570 -101.48 69.05 -52.15
CA ARG C 571 -104.67 71.00 -52.72
CA GLY C 572 -108.22 70.91 -53.98
CA ALA C 573 -109.67 70.65 -57.46
CA ALA C 574 -112.49 72.41 -59.30
CA GLY C 575 -114.95 74.38 -57.23
CA LEU C 576 -118.55 75.01 -56.30
CA HYP C 577 -120.17 77.64 -58.55
CA GLY C 578 -122.48 80.33 -57.23
CA PRO C 579 -126.25 80.46 -56.50
CA LYS C 580 -128.79 82.27 -58.74
CA GLY C 581 -128.82 85.82 -57.44
CA ASP C 582 -131.70 88.27 -57.41
CA ARG C 583 -134.43 88.55 -60.04
CA GLY C 584 -134.73 91.85 -61.92
CA ASP C 585 -136.86 95.00 -62.08
CA ALA C 586 -140.21 95.33 -63.84
CA GLY C 587 -140.93 96.56 -67.35
CA PRO C 588 -141.03 100.06 -68.94
CA LYS C 589 -144.74 100.97 -69.12
CA GLY C 590 -147.99 100.26 -70.94
CA ALA C 591 -149.34 102.73 -73.47
CA ASP C 592 -151.61 105.76 -73.68
CA GLY C 593 -154.94 105.80 -75.53
CA SER C 594 -158.43 107.27 -75.98
CA PRO C 595 -158.74 110.22 -78.39
CA GLY C 596 -158.95 113.77 -77.06
CA LYS C 597 -161.91 114.13 -74.69
CA ASP C 598 -164.78 116.54 -75.49
CA GLY C 599 -162.48 119.13 -73.96
CA VAL C 600 -163.12 122.06 -71.70
CA ARG C 601 -164.50 124.07 -74.61
CA GLY C 602 -163.73 126.93 -72.27
CA LEU C 603 -166.38 129.40 -73.43
CA THR C 604 -169.51 128.61 -75.38
CA GLY C 605 -171.30 130.10 -78.36
CA PRO C 606 -171.81 133.94 -78.45
CA ILE C 607 -175.00 136.02 -79.04
CA GLY C 608 -176.49 136.00 -82.50
CA PRO C 609 -177.63 138.71 -84.90
CA HYP C 610 -180.79 140.80 -84.27
CA GLY C 611 -183.90 140.41 -86.38
CA PRO C 612 -185.84 141.76 -89.42
CA ALA C 613 -188.18 144.75 -89.55
CA GLY C 614 -191.64 144.57 -88.03
CA ALA C 615 -195.11 145.18 -89.49
CA HYP C 616 -196.88 148.19 -91.09
CA GLY C 617 -198.16 151.04 -88.92
CA ASP C 618 -201.59 152.65 -88.94
CA LYS C 619 -203.50 155.44 -90.61
CA GLY C 620 -204.82 158.58 -88.97
CA GLU C 621 -208.04 160.51 -89.73
CA ALA C 622 -209.47 162.81 -92.42
CA GLY C 623 -209.88 166.56 -92.93
CA PRO C 624 -212.46 169.42 -92.84
CA SER C 625 -215.26 170.06 -95.34
CA GLY C 626 -215.06 171.65 -98.78
CA PRO C 627 -216.05 174.46 -101.22
CA ALA C 628 -219.52 175.12 -102.69
CA GLY C 629 -221.10 175.03 -106.13
CA PRO C 630 -221.88 177.70 -108.82
CA THR C 631 -225.09 179.79 -108.87
CA GLY C 632 -227.39 177.28 -110.53
CA ALA C 633 -229.91 179.25 -112.57
CA ARG C 634 -230.21 182.97 -113.31
CA GLY C 635 -233.83 184.01 -112.75
CA ALA C 636 -237.07 184.33 -114.78
CA HYP C 637 -239.69 186.99 -115.73
CA GLY C 638 -242.87 187.76 -113.83
CA ASP C 639 -245.81 190.09 -113.67
CA ARG C 640 -246.60 192.05 -116.82
CA GLY C 641 -248.70 195.22 -116.97
CA GLU C 642 -252.26 196.51 -117.02
CA ALA C 643 -254.75 198.33 -119.18
CA GLY C 644 -254.98 202.08 -119.51
CA PRO C 645 -256.94 204.79 -121.38
CA HYP C 646 -260.53 203.75 -122.26
CA GLY C 647 -261.66 204.89 -125.71
CA PRO C 648 -261.09 208.08 -127.79
CA ALA C 649 -263.96 209.76 -129.59
CA GLY C 650 -266.23 207.98 -131.99
CA PHE C 651 -267.55 209.69 -135.08
CA ALA C 652 -270.44 211.67 -136.57
CA GLY C 653 -274.11 210.69 -136.63
CA PRO C 654 -277.01 209.67 -138.93
CA HYP C 655 -278.65 212.83 -140.40
CA GLY C 656 -282.36 212.08 -140.87
CA ALA C 657 -285.44 212.24 -143.15
CA ASP C 658 -289.11 213.29 -143.29
CA GLY C 659 -289.33 216.21 -140.90
CA GLN C 660 -292.40 218.20 -139.93
CA HYP C 661 -293.98 220.82 -142.27
CA GLY C 662 -295.02 223.65 -139.95
CA ALA C 663 -296.36 227.22 -139.99
CA LYS C 664 -299.97 228.42 -140.50
CA GLY C 665 -299.40 231.66 -142.40
CA GLU C 666 -300.60 235.24 -141.90
CA HYP C 667 -304.39 235.62 -141.25
CA GLY C 668 -306.28 235.23 -144.56
CA ASP C 669 -307.17 238.34 -146.58
CA THR C 670 -310.88 239.21 -146.91
CA GLY C 671 -313.88 237.48 -148.49
CA VAL C 672 -315.79 237.50 -151.75
CA LYS C 673 -319.39 238.32 -152.66
CA GLY C 674 -322.17 236.82 -154.78
CA ASP C 675 -324.60 237.55 -157.65
CA ALA C 676 -326.95 240.55 -157.92
CA GLY C 677 -330.72 240.53 -157.54
CA PRO C 678 -333.76 241.13 -159.78
CA HYP C 679 -335.37 244.63 -160.09
CA GLY C 680 -337.78 246.33 -157.69
CA PRO C 681 -341.24 248.06 -157.59
CA ALA C 682 -342.12 251.60 -156.51
CA GLY C 683 -341.71 254.03 -159.40
CA PRO C 684 -341.84 257.88 -159.28
CA ALA C 685 -342.33 260.18 -162.29
CA GLY C 686 -340.27 262.82 -164.10
CA PRO C 687 -339.24 266.55 -164.03
CA HYP C 688 -341.28 269.31 -165.86
CA GLY C 689 -340.28 271.16 -169.03
CA PRO C 690 -340.43 274.69 -170.62
CA ILE C 691 -343.50 276.93 -170.82
CA GLY C 692 -345.97 276.23 -173.63
CA ASN C 693 -347.93 278.57 -175.92
CA VAL C 694 -349.35 281.78 -174.47
CA GLY C 695 -352.83 281.76 -176.03
CA ALA C 696 -355.23 283.70 -178.27
CA HYP C 697 -358.04 286.27 -177.63
CA GLY C 698 -361.75 285.51 -177.39
CA PRO C 699 -365.31 286.28 -178.66
CA LYZ C 700 -366.85 289.71 -178.16
CA GLY C 701 -369.09 291.55 -175.70
CA SER C 702 -372.33 293.52 -175.31
CA ARG C 703 -373.03 296.55 -177.51
CA GLY C 704 -374.99 299.69 -176.66
CA ALA C 705 -377.39 302.48 -177.63
CA ALA C 706 -379.39 302.58 -180.83
CA GLY C 707 -380.10 305.93 -182.44
CA PRO C 708 -381.86 309.34 -182.11
CA HYP C 709 -385.59 309.68 -182.88
CA GLY C 710 -386.86 311.18 -186.11
CA ALA C 711 -388.50 314.56 -186.53
CA THR C 712 -391.36 316.31 -188.37
CA GLY C 713 -393.48 314.52 -191.01
CA PHE C 714 -395.72 316.43 -193.48
CA HYP C 715 -397.79 319.71 -193.26
CA GLY C 716 -401.58 319.67 -193.05
CA ALA C 717 -403.60 319.89 -196.25
CA ALA C 718 -405.45 322.78 -197.96
CA GLY C 719 -408.68 324.58 -197.08
CA ARG C 720 -412.48 324.24 -197.07
CA VAL C 721 -414.60 326.87 -198.84
CA GLY C 722 -415.42 330.56 -198.39
CA PRO C 723 -418.88 332.21 -198.24
CA HYP C 724 -420.92 333.01 -201.39
CA GLY C 725 -421.19 336.78 -201.76
CA PRO C 726 -423.52 339.82 -201.94
CA SER C 727 -426.34 340.27 -204.50
CA GLY C 728 -427.61 343.19 -206.59
CA ASN C 729 -426.87 344.14 -210.20
CA ALA C 730 -429.38 343.56 -212.97
CA GLY C 731 -429.19 344.36 -216.66
CA PRO C 732 -428.93 347.06 -219.39
CA HYP C 733 -431.48 349.92 -219.85
CA GLY C 734 -434.19 350.00 -222.53
CA PRO C 735 -435.51 351.88 -225.64
CA HYP C 736 -438.20 354.62 -225.47
CA GLY C 737 -441.65 353.37 -226.42
CA PRO C 738 -444.96 354.06 -228.23
CA VAL C 739 -446.48 357.54 -228.59
CA GLY C 740 -449.86 357.78 -226.82
CA LYS C 741 -453.62 357.44 -227.41
CA GLU C 742 -456.79 359.34 -228.34
CA GLY C 743 -456.60 362.92 -227.11
CA GLY C 744 -459.25 365.31 -228.38
CA LYS C 745 -461.12 366.24 -231.54
CA GLY C 746 -461.41 369.57 -233.37
CA PRO C 747 -462.41 373.19 -232.55
CA ARG C 748 -465.62 374.93 -233.67
CA GLY C 749 -466.14 375.80 -237.31
CA GLU C 750 -467.16 379.14 -238.78
CA THR C 751 -469.79 380.76 -241.02
CA GLY C 752 -468.99 382.90 -244.04
CA PRO C 753 -470.52 385.55 -246.37
CA ALA C 754 -474.23 385.47 -247.11
CA GLY C 755 -476.87 385.11 -249.78
CA ARG C 756 -477.99 387.29 -252.67
CA HYP C 757 -480.88 389.74 -251.96
CA GLY C 758 -484.45 389.14 -253.07
CA GLU C 759 -485.93 390.95 -256.06
CA VAL C 760 -488.65 393.47 -256.84
CA GLY C 761 -490.40 395.02 -253.87
CA PRO C 762 -494.14 394.88 -252.98
CA HYP C 763 -496.97 396.39 -255.12
CA GLY C 764 -497.82 400.08 -255.32
CA PRO C 765 -500.57 402.70 -254.64
CA HYP C 766 -503.57 402.90 -257.03
CA GLY C 767 -504.44 406.13 -258.83
CA PRO C 768 -506.60 409.26 -258.24
CA ALA C 769 -508.98 409.97 -261.11
CA GLY C 770 -508.60 412.56 -263.83
CA GLU C 771 -509.13 416.15 -264.93
CA LYS C 772 -512.09 417.80 -266.70
CA GLY C 773 -512.78 416.11 -270.04
CA SER C 774 -512.88 418.53 -272.99
CA HYP C 775 -515.63 421.15 -273.52
CA GLY C 776 -518.77 420.41 -275.50
CA ALA C 777 -521.24 422.09 -277.84
CA ASP C 778 -522.37 425.64 -277.25
CA GLY C 779 -525.80 427.25 -276.97
CA PRO C 780 -528.55 426.26 -279.47
CA ALA C 781 -531.10 428.75 -280.86
CA GLY C 782 -532.82 431.32 -278.67
CA SER C 783 -536.21 432.99 -278.35
CA HYP C 784 -538.68 435.16 -280.33
CA GLY C 785 -538.12 438.87 -280.96
CA THR C 786 -541.32 440.24 -279.37
CA PRO C 787 -543.98 442.07 -281.44
CA GLY C 788 -543.80 445.77 -282.25
CA PRO C 789 -545.99 448.85 -282.99
CA GLN C 790 -548.01 449.15 -286.22
CA GLY C 791 -547.16 450.62 -289.65
CA ILE C 792 -546.92 453.97 -291.46
CA ALA C 793 -548.97 456.39 -293.57
CA GLY C 794 -551.41 454.70 -295.92
CA GLN C 795 -553.54 456.64 -298.39
CA ARG C 796 -556.23 459.32 -298.52
CA GLY C 797 -558.96 458.22 -300.91
CA VAL C 798 -560.17 460.31 -303.83
CA VAL C 799 -562.66 463.06 -304.58
CA GLY C 800 -565.70 462.22 -302.49
CA LEU C 801 -569.32 462.55 -303.60
CA HYP C 802 -571.22 465.86 -304.06
CA GLY C 803 -574.80 466.35 -302.89
CA GLN C 804 -576.99 469.44 -303.15
CA ARG C 805 -577.79 470.81 -306.62
CA GLY C 806 -579.08 474.30 -305.93
CA LYS C 807 -582.35 476.16 -305.46
CA ARG C 808 -585.24 477.54 -307.49
CA GLY C 809 -584.67 479.80 -310.48
CA PHE C 810 -586.68 482.83 -311.52
CA HYP C 811 -589.40 483.88 -313.98
CA GLY C 812 -588.97 483.39 -317.73
CA LEU C 813 -590.15 485.58 -320.61
CA HYP C 814 -593.01 487.97 -319.57
CA GLY C 815 -596.29 488.36 -321.42
CA PRO C 816 -597.06 490.93 -324.18
CA SER C 817 -599.64 493.72 -323.93
CA GLY C 818 -603.39 493.22 -323.83
CA GLU C 819 -606.20 493.52 -326.39
CA HYP C 820 -608.92 495.92 -327.64
CA GLY C 821 -612.30 496.34 -325.96
CA LYS C 822 -615.58 495.47 -327.70
CA GLN C 823 -618.31 497.49 -329.42
CA GLY C 824 -619.10 501.17 -329.16
CA PRO C 825 -622.31 503.15 -328.32
CA SER C 826 -625.26 503.64 -330.68
CA GLY C 827 -625.42 507.40 -331.26
CA ALA C 828 -626.08 510.22 -328.81
CA SER C 829 -628.94 512.12 -330.46
CA GLY C 830 -630.55 512.25 -333.90
CA GLU C 831 -630.77 515.90 -334.97
CA ARG C 832 -634.20 516.68 -336.38
CA GLY C 833 -635.99 516.71 -339.69
CA PRO C 834 -637.46 519.50 -341.84
CA HYP C 835 -641.27 519.93 -341.92
CA GLY C 836 -643.45 518.65 -344.74
CA PRO C 837 -645.33 520.42 -347.59
CA MET C 838 -648.29 522.74 -347.15
CA GLY C 839 -651.82 522.57 -348.63
CA PRO C 840 -654.54 524.03 -351.02
CA HYP C 841 -655.13 527.81 -350.91
CA GLY C 842 -658.82 528.20 -350.11
CA LEU C 843 -662.30 528.32 -351.61
CA ALA C 844 -664.36 531.51 -351.77
CA GLY C 845 -666.86 533.53 -349.76
CA PRO C 846 -670.61 534.34 -350.10
CA HYP C 847 -671.69 537.41 -352.11
CA GLY C 848 -671.48 540.91 -350.67
CA GLU C 849 -674.08 543.25 -349.19
CA SER C 850 -677.32 544.18 -350.96
CA GLY C 851 -677.43 545.52 -354.50
CA ARG C 852 -678.95 548.66 -355.98
CA GLU C 853 -682.08 550.12 -354.40
CA GLY C 854 -684.48 550.63 -357.31
CA SER C 855 -685.00 553.91 -359.16
CA HYP C 856 -687.74 556.40 -360.24
CA GLY C 857 -690.61 555.06 -362.29
CA ALA C 858 -692.50 556.57 -365.24
CA GLU C 859 -695.15 559.34 -365.30
CA GLY C 860 -698.58 559.60 -363.65
CA SER C 861 -702.00 559.05 -365.19
CA HYP C 862 -703.76 561.93 -367.04
CA GLY C 863 -706.72 563.67 -365.44
CA ARG C 864 -710.40 562.87 -365.96
CA ASP C 865 -712.24 565.87 -367.38
CA GLY C 866 -713.00 569.47 -366.51
CA ALA C 867 -716.11 571.08 -365.07
CA HYP C 868 -719.48 571.07 -366.91
CA GLY C 869 -720.18 573.25 -369.95
CA ALA C 870 -720.97 576.94 -370.02
CA LYS C 871 -723.95 577.83 -372.22
CA GLY C 872 -725.05 579.94 -375.22
CA ASP C 873 -726.03 583.57 -375.98
CA ARG C 874 -728.88 585.70 -377.17
CA GLY C 875 -728.92 583.92 -380.54
CA GLU C 876 -731.03 586.22 -382.80
CA THR C 877 -733.69 588.74 -381.75
CA GLY C 878 -736.42 586.14 -382.20
CA PRO C 879 -739.24 586.38 -384.79
CA ALA C 880 -739.28 590.17 -385.33
CA GLY C 881 -742.41 592.02 -384.32
CA PRO C 882 -746.02 592.29 -385.60
CA HYP C 883 -747.24 594.65 -388.38
CA GLY C 884 -748.98 597.95 -387.73
CA ALA C 885 -752.54 599.22 -387.42
CA HYP C 886 -755.08 600.98 -389.70
CA GLY C 887 -756.17 604.60 -389.38
CA ALA C 888 -759.53 606.45 -389.30
CA HYP C 889 -761.62 609.13 -391.18
CA GLY C 890 -760.80 612.85 -391.40
CA ALA C 891 -762.70 616.17 -391.36
CA PRO C 892 -765.91 617.33 -393.19
CA GLY C 893 -765.85 618.99 -396.60
CA PRO C 894 -767.59 622.23 -397.69
CA VAL C 895 -771.36 622.31 -398.45
CA GLY C 896 -773.78 622.21 -401.39
CA PRO C 897 -775.37 624.58 -403.98
CA ALA C 898 -779.03 625.56 -404.38
CA GLY C 899 -781.99 623.64 -405.78
CA LYS C 900 -784.99 625.38 -407.28
CA ASN C 901 -785.80 629.02 -406.62
CA GLY C 902 -788.66 628.67 -404.16
CA ASP C 903 -791.76 630.16 -405.81
CA ARG C 904 -793.39 633.07 -407.64
CA GLY C 905 -795.68 635.79 -406.26
CA GLU C 906 -799.38 636.54 -406.69
CA THR C 907 -801.44 638.91 -408.81
CA GLY C 908 -803.05 642.29 -408.24
CA PRO C 909 -806.66 643.16 -407.23
CA ALA C 910 -808.32 644.68 -410.33
CA GLY C 911 -806.29 647.58 -411.69
CA PRO C 912 -806.98 651.30 -411.08
CA ALA C 913 -810.47 652.30 -412.23
CA GLY C 914 -812.45 653.69 -415.17
CA PRO C 915 -814.25 656.78 -416.59
CA ILE C 916 -818.01 657.45 -416.42
CA GLY C 917 -820.89 657.50 -418.88
CA PRO C 918 -820.53 659.31 -422.25
CA ALA C 919 -823.70 661.37 -422.95
CA GLY C 920 -827.47 660.93 -422.74
CA ALA C 921 -830.57 660.68 -424.93
CA ARG C 922 -833.17 663.31 -425.92
CA GLY C 923 -835.41 665.45 -423.73
CA PRO C 924 -839.19 664.87 -423.31
CA ALA C 925 -841.82 667.28 -424.69
CA GLY C 926 -841.74 670.93 -423.68
CA PRO C 927 -844.66 673.40 -423.21
CA GLN C 928 -847.19 674.58 -425.86
CA GLY C 929 -846.46 677.19 -428.53
CA PRO C 930 -848.21 680.61 -428.45
CA ARG C 931 -851.78 680.48 -429.78
CA GLY C 932 -853.33 683.22 -431.92
CA ASP C 933 -853.99 686.94 -431.39
CA LYZ C 934 -856.17 689.28 -433.53
CA GLY C 935 -858.97 687.26 -435.14
CA GLU C 936 -861.54 688.04 -437.85
CA THR C 937 -865.26 688.85 -438.19
CA GLY C 938 -865.95 687.83 -441.76
CA GLU C 939 -869.16 689.43 -442.92
CA GLN C 940 -871.79 691.49 -441.13
CA GLY C 941 -875.01 690.56 -442.86
CA ASP C 942 -875.91 692.12 -446.18
CA ARG C 943 -878.10 695.17 -446.70
CA GLY C 944 -881.64 696.48 -446.37
CA ILE C 945 -884.99 695.91 -448.08
CA LYZ C 946 -887.32 698.47 -449.76
CA GLY C 947 -890.02 699.63 -447.34
CA HIS C 948 -893.40 700.95 -448.42
CA ARG C 949 -895.16 703.47 -450.59
CA GLY C 950 -898.06 705.89 -450.37
CA PHE C 951 -899.75 708.58 -452.46
CA SER C 952 -902.85 710.58 -453.39
CA GLY C 953 -903.78 713.69 -451.45
CA LEU C 954 -906.71 715.95 -452.36
CA GLN C 955 -908.38 717.18 -455.56
CA GLY C 956 -909.17 720.42 -457.34
CA PRO C 957 -912.08 722.91 -457.41
CA HYP C 958 -914.72 722.89 -460.18
CA GLY C 959 -913.70 722.95 -463.81
CA SER C 960 -913.04 726.03 -465.92
CA HYP C 961 -915.56 727.59 -468.36
CA GLY C 962 -915.13 727.03 -472.08
CA SER C 963 -915.87 729.21 -475.11
CA HYP C 964 -918.64 731.87 -475.06
CA GLY C 965 -921.97 730.11 -475.66
CA GLU C 966 -925.09 730.76 -477.72
CA GLN C 967 -927.55 733.52 -478.60
CA GLY C 968 -931.31 733.44 -479.08
CA PRO C 969 -934.33 734.99 -480.82
CA SER C 970 -934.93 738.70 -481.10
CA GLY C 971 -937.39 740.97 -479.36
CA ALA C 972 -941.01 741.83 -480.07
CA SER C 973 -942.20 744.41 -482.60
CA GLY C 974 -941.09 748.05 -482.42
CA PRO C 975 -942.09 751.74 -482.78
CA ALA C 976 -945.46 752.50 -484.39
CA GLY C 977 -946.03 754.03 -487.81
CA PRO C 978 -946.30 757.79 -488.62
CA ARG C 979 -948.92 759.71 -490.63
CA GLY C 980 -948.62 760.54 -494.32
CA PRO C 981 -950.21 761.94 -497.56
CA HYP C 982 -954.06 761.86 -497.51
CA GLY C 983 -956.61 762.15 -500.30
CA SER C 984 -956.93 765.17 -502.56
CA ALA C 985 -959.91 767.50 -502.83
CA GLY C 986 -963.37 766.51 -504.02
CA SER C 987 -965.85 767.32 -506.77
CA HYP C 988 -967.89 770.56 -506.46
CA GLY C 989 -971.62 770.97 -506.03
CA LYS C 990 -974.30 771.05 -508.71
CA ASP C 991 -974.30 773.94 -511.20
CA GLY C 992 -976.47 776.76 -509.92
CA LEU C 993 -980.22 776.24 -509.79
CA ASN C 994 -982.43 778.30 -512.11
CA GLY C 995 -983.21 781.95 -511.68
CA LEU C 996 -985.94 784.53 -511.55
CA HYP C 997 -988.88 785.29 -513.86
CA GLY C 998 -989.57 788.69 -515.38
CA PRO C 999 -991.69 791.87 -514.92
CA ILE C 1000 -994.91 792.81 -516.76
CA GLY C 1001 -995.12 793.53 -520.48
CA HYP C 1002 -995.94 796.22 -523.12
CA HYP C 1003 -999.71 796.93 -522.85
CA GLY C 1004 -1001.22 796.57 -526.31
CA PRO C 1005 -1002.56 798.76 -529.17
CA ARG C 1006 -1004.35 802.11 -529.54
CA GLY C 1007 -1007.31 800.83 -531.50
CA ARG C 1008 -1008.84 803.73 -533.41
CA THR C 1009 -1011.67 806.29 -533.28
CA GLY C 1010 -1014.86 805.88 -531.30
CA ASP C 1011 -1018.33 807.32 -530.80
CA SER C 1012 -1019.50 810.50 -532.47
CA GLY C 1013 -1022.59 812.67 -531.90
CA PRO C 1014 -1026.40 813.18 -532.54
CA ALA C 1015 -1028.10 814.97 -535.45
CA GLY C 1016 -1027.91 818.70 -535.93
CA PRO C 1017 -1029.76 822.04 -535.69
CA HYP C 1018 -1032.61 823.14 -538.01
CA GLY C 1019 -1032.03 824.81 -541.37
CA PRO C 1020 -1032.76 827.87 -543.59
CA HYP C 1021 -1036.31 828.95 -544.80
CA GLY C 1022 -1036.94 830.36 -548.29
CA PRO C 1023 -1036.90 833.25 -550.87
CA HYP C 1024 -1039.62 835.90 -551.53
CA GLY C 1025 -1041.63 837.20 -554.52
CA PRO C 1026 -1044.44 839.45 -556.07
CA HYP C 1027 -1046.72 842.39 -554.80
CA GLY C 1028 -1050.44 843.35 -554.49
CA PRO C 1029 -1053.38 845.06 -552.50
CA PRO C 1030 -1055.64 848.21 -552.91
CA SER C 1031 -1058.42 850.20 -551.11
CA GLY C 1032 -1060.35 853.12 -552.70
CA GLY C 1033 -1061.91 854.90 -555.70
CA TYR C 1034 -1064.61 857.21 -557.18
CA ASP C 1035 -1066.26 858.45 -560.43
CA PHE C 1036 -1069.43 860.21 -561.65
CA SER C 1037 -1069.63 862.59 -564.65
CA PHE C 1038 -1073.31 862.47 -565.67
CA LEU C 1039 -1074.81 865.96 -566.00
CA PRO C 1040 -1072.68 868.60 -567.81
CA GLN C 1041 -1071.66 868.67 -571.47
CA PRO C 1042 -1074.56 869.05 -573.84
CA PRO C 1043 -1075.67 865.67 -572.35
CA GLN C 1044 -1074.20 863.17 -569.84
CA GLU C 1045 -1071.32 861.10 -571.24
CA LYS C 1046 -1068.65 859.48 -569.08
CA SER C 1047 -1066.18 856.76 -570.09
CA GLN C 1048 -1064.47 855.93 -566.80
CA ASP C 1049 -1062.46 852.74 -566.44
CA GLY C 1050 -1059.75 851.19 -564.32
CA GLY C 1051 -1057.33 848.29 -564.15
CA ARG C 1052 -1057.09 847.25 -560.49
CA TYR C 1053 -1056.51 843.51 -561.01
CA TYR C 1054 -1053.00 844.30 -562.30
#